data_4LP7
#
_entry.id   4LP7
#
_cell.length_a   62.009
_cell.length_b   62.009
_cell.length_c   275.385
_cell.angle_alpha   90.000
_cell.angle_beta   90.000
_cell.angle_gamma   120.000
#
_symmetry.space_group_name_H-M   'P 31'
#
loop_
_entity.id
_entity.type
_entity.pdbx_description
1 polymer 'Matrix protein M'
2 non-polymer 'CALCIUM ION'
3 non-polymer 'CHLORIDE ION'
4 water water
#
_entity_poly.entity_id   1
_entity_poly.type   'polypeptide(L)'
_entity_poly.pdbx_seq_one_letter_code
;MESYLVDTYQGIPYTAAVQVDLIEKDLLPASLTIWFPLFQANTPPAVLLDQLKTLTITTLYAASQNGPILKVNASAQGAA
MSVLPKKFEVNATVALDEYSKLEFDKLTVCEVKTVYLTTMKPYGMVSKFVSSAKSVGKKTHDLIALCDFMDLEKNTPVTI
PAFIKSVSIKESESATVEAAISSEADQALTQAKIAPYAGLIMIMTMNNPKGIFKKLGAGTQVIVELGAYVQAESISKICK
TWSHQGTRYVLKSR
;
_entity_poly.pdbx_strand_id   A,B,C,D
#
loop_
_chem_comp.id
_chem_comp.type
_chem_comp.name
_chem_comp.formula
CA non-polymer 'CALCIUM ION' 'Ca 2'
CL non-polymer 'CHLORIDE ION' 'Cl -1'
#
# COMPACT_ATOMS: atom_id res chain seq x y z
N MET A 1 -7.36 4.83 6.06
CA MET A 1 -8.09 5.28 4.92
C MET A 1 -9.60 5.35 5.16
N GLU A 2 -9.99 5.62 6.39
CA GLU A 2 -11.39 5.74 6.85
C GLU A 2 -11.34 5.75 8.38
N SER A 3 -11.87 6.76 9.00
CA SER A 3 -11.67 6.90 10.43
C SER A 3 -12.86 7.05 11.30
N TYR A 4 -12.66 6.80 12.58
CA TYR A 4 -13.66 6.99 13.59
C TYR A 4 -12.93 7.28 14.88
N LEU A 5 -13.41 8.29 15.60
CA LEU A 5 -12.83 8.75 16.84
C LEU A 5 -13.81 8.58 17.98
N VAL A 6 -13.33 8.04 19.12
CA VAL A 6 -14.09 7.93 20.37
C VAL A 6 -13.28 8.68 21.45
N ASP A 7 -13.74 9.91 21.73
CA ASP A 7 -13.10 10.80 22.69
C ASP A 7 -13.64 10.75 24.14
N THR A 8 -12.95 9.95 24.97
CA THR A 8 -13.31 9.72 26.36
C THR A 8 -12.54 10.64 27.29
N TYR A 9 -11.32 11.02 26.88
CA TYR A 9 -10.40 11.93 27.57
C TYR A 9 -10.05 13.02 26.59
N GLN A 10 -9.97 14.27 27.06
CA GLN A 10 -9.52 15.45 26.28
C GLN A 10 -8.44 16.10 27.14
N GLY A 11 -7.19 15.77 26.89
CA GLY A 11 -6.13 16.27 27.76
C GLY A 11 -4.78 16.37 27.15
N ILE A 12 -3.94 17.24 27.77
CA ILE A 12 -2.58 17.66 27.35
C ILE A 12 -1.81 16.42 26.91
N PRO A 13 -1.47 15.44 27.77
CA PRO A 13 -0.97 14.17 27.25
C PRO A 13 -2.11 13.14 27.45
N TYR A 14 -2.35 12.27 26.48
CA TYR A 14 -3.39 11.26 26.63
C TYR A 14 -2.96 9.95 26.07
N THR A 15 -3.49 8.82 26.60
CA THR A 15 -3.22 7.50 26.05
C THR A 15 -4.02 7.30 24.73
N ALA A 16 -3.31 6.82 23.69
CA ALA A 16 -3.90 6.54 22.40
C ALA A 16 -4.04 5.02 22.22
N ALA A 17 -5.30 4.60 22.00
CA ALA A 17 -5.76 3.25 21.73
C ALA A 17 -6.06 3.18 20.24
N VAL A 18 -5.14 2.58 19.46
CA VAL A 18 -5.35 2.47 18.01
C VAL A 18 -5.68 1.05 17.60
N GLN A 19 -6.76 0.90 16.78
CA GLN A 19 -7.25 -0.34 16.18
C GLN A 19 -7.51 -0.09 14.67
N VAL A 20 -7.17 -1.09 13.85
CA VAL A 20 -7.30 -0.98 12.39
C VAL A 20 -8.01 -2.17 11.77
N ASP A 21 -8.85 -1.91 10.75
CA ASP A 21 -9.50 -2.99 10.02
C ASP A 21 -8.62 -3.17 8.80
N LEU A 22 -8.00 -4.36 8.69
CA LEU A 22 -7.07 -4.70 7.62
C LEU A 22 -7.63 -5.73 6.68
N ILE A 23 -6.99 -5.81 5.50
CA ILE A 23 -7.18 -6.75 4.41
C ILE A 23 -5.83 -6.93 3.72
N GLU A 24 -5.44 -8.20 3.54
CA GLU A 24 -4.17 -8.63 2.93
C GLU A 24 -4.06 -8.25 1.47
N LYS A 25 -2.88 -7.82 1.07
CA LYS A 25 -2.63 -7.58 -0.33
C LYS A 25 -1.94 -8.87 -0.84
N ASP A 26 -2.76 -9.88 -1.16
CA ASP A 26 -2.34 -11.18 -1.69
C ASP A 26 -3.52 -11.82 -2.41
N LEU A 27 -3.31 -13.01 -3.02
CA LEU A 27 -4.32 -13.73 -3.79
C LEU A 27 -5.38 -14.55 -3.05
N LEU A 28 -5.23 -14.65 -1.71
CA LEU A 28 -6.18 -15.24 -0.76
C LEU A 28 -6.20 -14.25 0.41
N PRO A 29 -6.86 -13.09 0.20
CA PRO A 29 -6.83 -12.07 1.23
C PRO A 29 -7.75 -12.36 2.38
N ALA A 30 -7.16 -12.23 3.56
CA ALA A 30 -7.84 -12.42 4.81
C ALA A 30 -8.14 -11.05 5.31
N SER A 31 -9.31 -10.92 5.91
CA SER A 31 -9.66 -9.66 6.53
C SER A 31 -9.40 -9.83 8.02
N LEU A 32 -8.78 -8.81 8.66
CA LEU A 32 -8.36 -8.84 10.07
C LEU A 32 -8.54 -7.53 10.76
N THR A 33 -8.87 -7.60 12.03
CA THR A 33 -8.94 -6.45 12.91
C THR A 33 -7.87 -6.71 13.98
N ILE A 34 -6.88 -5.82 14.03
CA ILE A 34 -5.79 -5.85 15.02
C ILE A 34 -5.70 -4.44 15.65
N TRP A 35 -5.14 -4.40 16.85
CA TRP A 35 -4.93 -3.15 17.58
C TRP A 35 -3.48 -3.04 18.05
N PHE A 36 -3.01 -1.81 18.12
CA PHE A 36 -1.66 -1.43 18.50
C PHE A 36 -1.42 -1.42 19.99
N PRO A 37 -0.17 -1.65 20.47
CA PRO A 37 0.12 -1.38 21.89
C PRO A 37 -0.26 0.08 22.22
N LEU A 38 -0.69 0.39 23.44
CA LEU A 38 -1.06 1.78 23.79
C LEU A 38 0.18 2.68 23.80
N PHE A 39 0.01 3.95 23.41
CA PHE A 39 1.09 4.92 23.43
C PHE A 39 0.55 6.27 23.90
N GLN A 40 1.46 7.23 24.23
CA GLN A 40 1.09 8.58 24.69
C GLN A 40 1.09 9.51 23.50
N ALA A 41 0.13 10.46 23.45
CA ALA A 41 0.03 11.49 22.39
C ALA A 41 -0.15 12.88 23.01
N ASN A 42 0.48 13.91 22.40
CA ASN A 42 0.44 15.29 22.87
C ASN A 42 -0.17 16.20 21.83
N THR A 43 -0.62 15.65 20.69
CA THR A 43 -1.22 16.43 19.61
C THR A 43 -2.70 16.19 19.54
N PRO A 44 -3.54 17.15 19.07
CA PRO A 44 -5.00 16.92 18.98
C PRO A 44 -5.40 15.61 18.35
N PRO A 45 -6.43 14.95 18.92
CA PRO A 45 -6.86 13.64 18.41
C PRO A 45 -7.25 13.63 16.93
N ALA A 46 -8.03 14.64 16.48
CA ALA A 46 -8.48 14.78 15.09
C ALA A 46 -7.27 14.87 14.16
N VAL A 47 -6.21 15.51 14.68
CA VAL A 47 -4.94 15.65 13.99
C VAL A 47 -4.13 14.36 13.97
N LEU A 48 -4.08 13.62 15.11
CA LEU A 48 -3.40 12.32 15.17
C LEU A 48 -4.05 11.35 14.19
N LEU A 49 -5.40 11.30 14.15
CA LEU A 49 -6.15 10.43 13.25
C LEU A 49 -5.80 10.63 11.79
N ASP A 50 -5.75 11.89 11.37
CA ASP A 50 -5.36 12.25 10.02
C ASP A 50 -4.01 11.61 9.69
N GLN A 51 -3.02 11.77 10.61
CA GLN A 51 -1.67 11.21 10.45
C GLN A 51 -1.74 9.71 10.42
N LEU A 52 -2.60 9.13 11.24
CA LEU A 52 -2.80 7.69 11.31
C LEU A 52 -3.38 7.16 10.01
N LYS A 53 -4.17 8.00 9.28
CA LYS A 53 -4.74 7.61 7.98
C LYS A 53 -3.64 7.28 6.94
N THR A 54 -2.34 7.63 7.20
CA THR A 54 -1.24 7.30 6.27
C THR A 54 -0.54 5.97 6.66
N LEU A 55 -1.19 5.18 7.58
CA LEU A 55 -0.68 3.94 8.17
C LEU A 55 -0.40 2.96 7.12
N THR A 56 0.77 2.32 7.19
CA THR A 56 1.18 1.24 6.29
C THR A 56 1.60 0.08 7.16
N ILE A 57 0.84 -1.04 7.08
CA ILE A 57 1.07 -2.19 7.93
C ILE A 57 1.50 -3.38 7.14
N THR A 58 2.50 -4.08 7.67
CA THR A 58 2.99 -5.34 7.15
C THR A 58 2.87 -6.47 8.21
N THR A 59 2.15 -7.55 7.86
CA THR A 59 1.98 -8.69 8.77
C THR A 59 2.66 -9.96 8.22
N LEU A 60 3.01 -10.88 9.12
CA LEU A 60 3.60 -12.14 8.77
C LEU A 60 3.13 -13.20 9.75
N TYR A 61 2.48 -14.25 9.19
CA TYR A 61 1.87 -15.30 10.02
C TYR A 61 2.94 -16.18 10.57
N ALA A 62 2.99 -16.32 11.92
CA ALA A 62 3.96 -17.15 12.61
C ALA A 62 3.33 -17.88 13.79
N ALA A 63 4.04 -18.89 14.28
CA ALA A 63 3.72 -19.72 15.41
C ALA A 63 4.42 -19.18 16.65
N SER A 64 3.82 -19.36 17.83
CA SER A 64 4.40 -18.94 19.12
C SER A 64 3.97 -19.91 20.21
N GLN A 65 4.70 -19.92 21.33
CA GLN A 65 4.40 -20.83 22.46
C GLN A 65 2.98 -20.68 22.95
N ASN A 66 2.47 -19.42 22.94
CA ASN A 66 1.10 -19.05 23.32
C ASN A 66 0.29 -18.89 21.99
N GLY A 67 0.06 -20.03 21.32
CA GLY A 67 -0.69 -20.08 20.06
C GLY A 67 -0.13 -19.33 18.86
N PRO A 68 -0.83 -19.31 17.69
CA PRO A 68 -0.29 -18.59 16.53
C PRO A 68 -0.42 -17.09 16.70
N ILE A 69 0.54 -16.38 16.14
CA ILE A 69 0.63 -14.91 16.19
C ILE A 69 0.78 -14.31 14.82
N LEU A 70 0.81 -12.98 14.75
CA LEU A 70 1.07 -12.17 13.57
C LEU A 70 2.20 -11.18 13.93
N LYS A 71 3.34 -11.26 13.24
CA LYS A 71 4.40 -10.32 13.52
C LYS A 71 4.07 -9.08 12.71
N VAL A 72 3.63 -8.00 13.40
CA VAL A 72 3.24 -6.73 12.78
C VAL A 72 4.38 -5.76 12.79
N ASN A 73 4.50 -4.97 11.69
CA ASN A 73 5.44 -3.88 11.45
C ASN A 73 4.61 -2.76 10.83
N ALA A 74 4.60 -1.55 11.43
CA ALA A 74 3.81 -0.42 10.97
C ALA A 74 4.61 0.88 10.81
N SER A 75 4.13 1.79 9.92
CA SER A 75 4.69 3.14 9.63
C SER A 75 3.55 4.11 9.29
N ALA A 76 3.78 5.42 9.48
CA ALA A 76 2.84 6.48 9.15
C ALA A 76 3.59 7.79 8.98
N GLN A 77 2.96 8.75 8.33
CA GLN A 77 3.54 10.06 8.04
C GLN A 77 3.00 11.06 9.04
N GLY A 78 3.89 11.91 9.53
CA GLY A 78 3.52 12.93 10.51
C GLY A 78 4.41 12.90 11.72
N ALA A 79 4.62 14.07 12.36
CA ALA A 79 5.51 14.24 13.53
C ALA A 79 5.11 13.37 14.70
N ALA A 80 3.82 13.37 15.01
CA ALA A 80 3.24 12.62 16.11
C ALA A 80 3.40 11.12 15.96
N MET A 81 3.75 10.66 14.75
CA MET A 81 3.91 9.25 14.47
C MET A 81 5.27 8.67 14.91
N SER A 82 6.13 9.48 15.51
CA SER A 82 7.43 9.05 16.03
C SER A 82 7.27 8.10 17.22
N VAL A 83 6.22 8.33 18.03
CA VAL A 83 5.81 7.56 19.22
C VAL A 83 4.98 6.31 18.86
N LEU A 84 4.50 6.21 17.61
CA LEU A 84 3.68 5.06 17.17
C LEU A 84 4.41 3.69 17.34
N PRO A 85 3.83 2.66 18.02
CA PRO A 85 4.56 1.38 18.13
C PRO A 85 4.78 0.76 16.73
N LYS A 86 6.06 0.62 16.38
CA LYS A 86 6.49 0.24 15.07
C LYS A 86 6.54 -1.26 14.77
N LYS A 87 6.95 -2.08 15.74
CA LYS A 87 7.07 -3.51 15.54
C LYS A 87 6.58 -4.16 16.81
N PHE A 88 5.47 -4.92 16.67
CA PHE A 88 4.78 -5.59 17.76
C PHE A 88 4.08 -6.88 17.28
N GLU A 89 3.96 -7.88 18.17
CA GLU A 89 3.33 -9.16 17.87
C GLU A 89 1.89 -9.17 18.36
N VAL A 90 0.97 -9.81 17.63
CA VAL A 90 -0.44 -9.88 18.01
C VAL A 90 -0.98 -11.31 17.93
N ASN A 91 -1.99 -11.60 18.72
CA ASN A 91 -2.55 -12.92 18.63
C ASN A 91 -3.38 -13.04 17.39
N ALA A 92 -3.00 -14.01 16.55
CA ALA A 92 -3.64 -14.31 15.29
C ALA A 92 -4.82 -15.18 15.53
N THR A 93 -5.83 -14.63 16.18
CA THR A 93 -7.10 -15.29 16.42
C THR A 93 -8.09 -14.61 15.50
N VAL A 94 -8.57 -15.40 14.53
CA VAL A 94 -9.46 -14.92 13.47
C VAL A 94 -10.70 -15.76 13.31
N ALA A 95 -11.72 -15.20 12.60
CA ALA A 95 -12.96 -15.89 12.24
C ALA A 95 -12.50 -17.16 11.55
N LEU A 96 -13.10 -18.29 11.88
CA LEU A 96 -12.59 -19.55 11.37
C LEU A 96 -12.35 -19.72 9.91
N ASP A 97 -13.14 -19.02 9.04
CA ASP A 97 -12.99 -19.07 7.59
C ASP A 97 -11.70 -18.40 7.18
N GLU A 98 -11.20 -17.47 8.01
CA GLU A 98 -9.97 -16.77 7.71
C GLU A 98 -8.70 -17.62 7.81
N TYR A 99 -8.71 -18.69 8.61
CA TYR A 99 -7.54 -19.54 8.80
C TYR A 99 -6.93 -20.09 7.50
N SER A 100 -7.81 -20.45 6.54
CA SER A 100 -7.44 -20.93 5.20
C SER A 100 -6.70 -19.80 4.46
N LYS A 101 -7.26 -18.59 4.55
CA LYS A 101 -6.73 -17.38 3.91
C LYS A 101 -5.47 -16.81 4.60
N LEU A 102 -4.83 -17.55 5.53
CA LEU A 102 -3.65 -17.10 6.29
C LEU A 102 -2.41 -17.88 5.92
N GLU A 103 -1.72 -17.43 4.87
CA GLU A 103 -0.52 -18.09 4.41
C GLU A 103 0.58 -17.96 5.47
N PHE A 104 1.13 -19.08 5.88
CA PHE A 104 2.18 -19.07 6.89
C PHE A 104 3.49 -18.50 6.34
N ASP A 105 4.20 -17.75 7.18
CA ASP A 105 5.52 -17.18 6.94
C ASP A 105 5.65 -16.29 5.69
N LYS A 106 4.55 -15.75 5.17
CA LYS A 106 4.62 -14.93 3.97
C LYS A 106 4.35 -13.52 4.35
N LEU A 107 5.39 -12.69 4.26
CA LEU A 107 5.33 -11.26 4.59
C LEU A 107 4.43 -10.56 3.60
N THR A 108 3.22 -10.22 4.09
CA THR A 108 2.22 -9.55 3.26
C THR A 108 1.97 -8.12 3.75
N VAL A 109 1.79 -7.18 2.81
CA VAL A 109 1.40 -5.85 3.24
C VAL A 109 -0.10 -5.91 3.33
N CYS A 110 -0.63 -5.30 4.36
CA CYS A 110 -2.05 -5.29 4.59
C CYS A 110 -2.53 -3.91 4.18
N GLU A 111 -3.83 -3.79 3.93
CA GLU A 111 -4.46 -2.55 3.47
C GLU A 111 -5.48 -2.15 4.48
N VAL A 112 -5.34 -0.94 5.04
CA VAL A 112 -6.23 -0.39 6.08
C VAL A 112 -7.56 0.09 5.49
N LYS A 113 -8.67 -0.47 5.96
CA LYS A 113 -10.00 -0.07 5.47
C LYS A 113 -10.65 0.93 6.42
N THR A 114 -10.26 0.89 7.71
CA THR A 114 -10.69 1.82 8.76
C THR A 114 -9.60 1.88 9.84
N VAL A 115 -9.40 3.08 10.45
CA VAL A 115 -8.45 3.39 11.53
C VAL A 115 -9.27 4.00 12.61
N TYR A 116 -9.25 3.35 13.78
CA TYR A 116 -9.99 3.85 14.92
C TYR A 116 -9.01 4.36 15.98
N LEU A 117 -9.35 5.54 16.57
CA LEU A 117 -8.61 6.14 17.66
C LEU A 117 -9.54 6.31 18.84
N THR A 118 -9.02 5.96 20.03
CA THR A 118 -9.74 6.09 21.29
C THR A 118 -8.78 6.79 22.23
N THR A 119 -9.25 7.90 22.84
CA THR A 119 -8.43 8.64 23.80
C THR A 119 -8.74 8.10 25.18
N MET A 120 -7.74 8.06 26.08
CA MET A 120 -7.85 7.56 27.46
C MET A 120 -7.04 8.42 28.41
N LYS A 121 -7.25 8.25 29.72
CA LYS A 121 -6.49 8.93 30.75
C LYS A 121 -5.19 8.20 30.86
N PRO A 122 -4.02 8.86 30.87
CA PRO A 122 -2.79 8.09 31.03
C PRO A 122 -2.71 7.44 32.42
N TYR A 123 -2.38 6.11 32.44
CA TYR A 123 -2.16 5.24 33.62
C TYR A 123 -1.22 5.97 34.63
N GLY A 124 -0.14 6.53 34.07
CA GLY A 124 0.93 7.28 34.69
C GLY A 124 1.87 7.72 33.58
N LYS A 138 -9.87 -6.06 56.88
CA LYS A 138 -10.27 -4.91 56.08
C LYS A 138 -10.44 -5.28 54.61
N LYS A 139 -11.57 -6.00 54.22
CA LYS A 139 -11.80 -6.48 52.81
C LYS A 139 -13.08 -7.29 52.46
N THR A 140 -14.26 -6.69 52.41
CA THR A 140 -15.47 -7.43 51.94
C THR A 140 -16.17 -6.63 50.90
N HIS A 141 -17.24 -7.15 50.28
CA HIS A 141 -17.98 -6.34 49.32
C HIS A 141 -17.15 -5.76 48.18
N ASP A 142 -17.72 -5.85 47.04
CA ASP A 142 -17.17 -5.34 45.81
C ASP A 142 -18.07 -4.22 45.27
N LEU A 143 -17.51 -3.07 44.89
CA LEU A 143 -18.33 -1.98 44.34
C LEU A 143 -18.38 -2.22 42.85
N ILE A 144 -19.53 -2.54 42.29
CA ILE A 144 -19.65 -2.81 40.87
C ILE A 144 -20.55 -1.80 40.26
N ALA A 145 -20.22 -1.31 39.04
CA ALA A 145 -21.04 -0.34 38.33
C ALA A 145 -21.72 -1.03 37.15
N LEU A 146 -23.05 -0.94 37.10
CA LEU A 146 -23.90 -1.50 36.05
C LEU A 146 -24.17 -0.40 35.02
N CYS A 147 -23.42 -0.41 33.93
CA CYS A 147 -23.58 0.57 32.85
C CYS A 147 -24.72 0.19 31.94
N ASP A 148 -25.71 1.08 31.85
CA ASP A 148 -26.94 0.88 31.09
C ASP A 148 -26.87 1.56 29.75
N PHE A 149 -27.21 0.86 28.71
CA PHE A 149 -27.11 1.31 27.32
C PHE A 149 -28.33 0.93 26.51
N MET A 150 -28.53 1.57 25.35
CA MET A 150 -29.65 1.27 24.48
C MET A 150 -29.15 1.09 23.05
N ASP A 151 -29.39 -0.07 22.45
CA ASP A 151 -28.96 -0.35 21.07
C ASP A 151 -30.04 0.27 20.19
N LEU A 152 -29.78 1.49 19.70
CA LEU A 152 -30.76 2.26 18.92
C LEU A 152 -31.17 1.62 17.60
N GLU A 153 -30.33 0.71 17.06
CA GLU A 153 -30.59 -0.04 15.83
C GLU A 153 -31.72 -1.07 16.15
N LYS A 154 -31.64 -1.71 17.33
CA LYS A 154 -32.58 -2.75 17.73
C LYS A 154 -33.61 -2.35 18.80
N ASN A 155 -33.42 -1.20 19.48
CA ASN A 155 -34.25 -0.66 20.59
C ASN A 155 -34.36 -1.63 21.77
N THR A 156 -33.25 -2.33 22.03
CA THR A 156 -33.15 -3.32 23.09
C THR A 156 -32.05 -2.91 24.05
N PRO A 157 -32.36 -2.82 25.36
CA PRO A 157 -31.34 -2.43 26.34
C PRO A 157 -30.19 -3.43 26.49
N VAL A 158 -29.11 -2.99 27.15
CA VAL A 158 -27.91 -3.79 27.43
C VAL A 158 -27.19 -3.20 28.63
N THR A 159 -26.85 -4.02 29.63
CA THR A 159 -26.21 -3.63 30.87
C THR A 159 -24.88 -4.38 30.99
N ILE A 160 -23.78 -3.62 30.99
CA ILE A 160 -22.43 -4.17 31.08
C ILE A 160 -21.89 -3.86 32.50
N PRO A 161 -21.57 -4.88 33.31
CA PRO A 161 -21.08 -4.60 34.68
C PRO A 161 -19.58 -4.39 34.72
N ALA A 162 -19.14 -3.34 35.39
CA ALA A 162 -17.74 -2.94 35.58
C ALA A 162 -17.39 -3.05 37.06
N PHE A 163 -16.32 -3.79 37.42
CA PHE A 163 -15.85 -3.90 38.80
C PHE A 163 -15.01 -2.66 39.10
N ILE A 164 -15.29 -1.95 40.20
CA ILE A 164 -14.55 -0.75 40.58
C ILE A 164 -13.55 -0.96 41.70
N LYS A 165 -14.02 -1.07 42.95
CA LYS A 165 -13.15 -1.24 44.12
C LYS A 165 -13.69 -2.32 45.02
N SER A 166 -12.93 -2.68 46.04
CA SER A 166 -13.32 -3.64 47.06
C SER A 166 -13.22 -2.88 48.36
N VAL A 167 -14.35 -2.77 49.09
CA VAL A 167 -14.50 -1.99 50.34
C VAL A 167 -14.75 -2.84 51.54
N SER A 168 -14.50 -2.32 52.76
CA SER A 168 -14.78 -3.05 54.00
C SER A 168 -15.88 -2.46 54.80
N ILE A 169 -16.83 -3.29 55.18
CA ILE A 169 -17.98 -2.86 55.95
C ILE A 169 -17.97 -3.48 57.35
N LYS A 170 -17.96 -2.62 58.39
CA LYS A 170 -17.96 -2.99 59.81
C LYS A 170 -19.41 -3.17 60.34
N GLU A 171 -19.76 -4.47 60.60
CA GLU A 171 -21.05 -5.02 61.08
C GLU A 171 -22.14 -4.02 61.45
N GLN A 187 -20.19 10.06 40.57
CA GLN A 187 -21.05 8.88 40.64
C GLN A 187 -22.50 9.17 40.18
N ALA A 188 -23.12 10.25 40.74
CA ALA A 188 -24.48 10.73 40.43
C ALA A 188 -24.68 10.62 38.88
N LEU A 189 -23.75 11.28 38.15
CA LEU A 189 -23.57 11.26 36.71
C LEU A 189 -22.08 11.00 36.39
N THR A 190 -21.84 9.94 35.59
CA THR A 190 -20.57 9.46 35.06
C THR A 190 -20.80 9.23 33.58
N GLN A 191 -19.75 8.97 32.82
CA GLN A 191 -19.85 8.73 31.38
C GLN A 191 -19.32 7.36 31.02
N ALA A 192 -20.04 6.65 30.15
CA ALA A 192 -19.61 5.33 29.64
C ALA A 192 -19.71 5.32 28.12
N LYS A 193 -18.71 4.74 27.47
CA LYS A 193 -18.71 4.64 26.01
C LYS A 193 -18.17 3.32 25.50
N ILE A 194 -18.80 2.80 24.43
CA ILE A 194 -18.37 1.58 23.74
C ILE A 194 -17.34 2.09 22.69
N ALA A 195 -16.12 1.59 22.78
CA ALA A 195 -15.01 1.96 21.94
C ALA A 195 -14.29 0.76 21.30
N PRO A 196 -13.81 0.87 20.06
CA PRO A 196 -13.10 -0.25 19.46
C PRO A 196 -11.64 -0.34 19.86
N TYR A 197 -11.33 -1.23 20.82
CA TYR A 197 -9.91 -1.43 21.13
C TYR A 197 -9.49 -2.87 21.21
N ALA A 198 -9.85 -3.60 22.22
CA ALA A 198 -9.43 -4.97 22.14
C ALA A 198 -10.63 -5.70 21.52
N GLY A 199 -10.92 -5.22 20.31
CA GLY A 199 -12.07 -5.58 19.51
C GLY A 199 -13.13 -4.52 19.78
N LEU A 200 -13.72 -4.57 20.98
CA LEU A 200 -14.67 -3.62 21.56
C LEU A 200 -14.45 -3.66 23.05
N ILE A 201 -14.44 -2.49 23.67
CA ILE A 201 -14.21 -2.29 25.10
C ILE A 201 -15.14 -1.23 25.55
N MET A 202 -15.64 -1.35 26.76
CA MET A 202 -16.47 -0.30 27.29
C MET A 202 -15.57 0.45 28.23
N ILE A 203 -15.55 1.76 28.08
CA ILE A 203 -14.74 2.58 28.94
C ILE A 203 -15.60 3.54 29.73
N MET A 204 -15.50 3.45 31.06
CA MET A 204 -16.31 4.30 31.91
C MET A 204 -15.47 5.18 32.76
N THR A 205 -15.78 6.47 32.70
CA THR A 205 -15.03 7.51 33.38
C THR A 205 -15.91 8.10 34.52
N MET A 206 -15.41 8.01 35.76
CA MET A 206 -16.09 8.52 36.94
C MET A 206 -15.50 9.88 37.29
N ASN A 207 -16.37 10.88 37.45
CA ASN A 207 -16.02 12.28 37.67
C ASN A 207 -15.55 12.64 39.08
N ASN A 208 -16.21 12.06 40.08
CA ASN A 208 -15.88 12.21 41.48
C ASN A 208 -16.57 11.12 42.35
N PRO A 209 -16.09 10.87 43.59
CA PRO A 209 -16.76 9.87 44.43
C PRO A 209 -18.05 10.41 45.07
N GLY A 217 -10.82 8.20 43.25
CA GLY A 217 -11.51 9.47 43.01
C GLY A 217 -11.03 10.25 41.80
N ALA A 218 -11.65 11.46 41.58
CA ALA A 218 -11.42 12.41 40.47
C ALA A 218 -11.73 11.72 39.14
N GLY A 219 -11.22 12.25 38.02
CA GLY A 219 -11.39 11.59 36.73
C GLY A 219 -10.64 10.28 36.80
N THR A 220 -11.36 9.15 36.72
CA THR A 220 -10.79 7.77 36.73
C THR A 220 -11.63 6.85 35.88
N GLN A 221 -10.93 6.06 35.04
CA GLN A 221 -11.50 5.17 34.05
C GLN A 221 -11.39 3.71 34.35
N VAL A 222 -12.43 2.98 34.00
CA VAL A 222 -12.53 1.52 34.13
C VAL A 222 -12.81 1.01 32.72
N ILE A 223 -12.01 0.02 32.27
CA ILE A 223 -12.15 -0.56 30.93
C ILE A 223 -12.67 -1.97 31.08
N VAL A 224 -13.74 -2.29 30.37
CA VAL A 224 -14.29 -3.65 30.41
C VAL A 224 -14.11 -4.24 29.01
N GLU A 225 -13.46 -5.41 28.92
CA GLU A 225 -13.23 -5.99 27.61
C GLU A 225 -14.42 -6.87 27.19
N LEU A 226 -14.96 -6.59 26.01
CA LEU A 226 -16.12 -7.26 25.43
C LEU A 226 -15.74 -8.31 24.40
N GLY A 227 -14.43 -8.37 24.07
CA GLY A 227 -13.88 -9.36 23.15
C GLY A 227 -13.88 -9.01 21.68
N ALA A 228 -12.96 -9.61 20.93
CA ALA A 228 -12.80 -9.34 19.50
C ALA A 228 -13.75 -10.08 18.60
N TYR A 229 -14.50 -11.06 19.16
CA TYR A 229 -15.52 -11.84 18.44
C TYR A 229 -16.63 -10.94 17.88
N VAL A 230 -16.39 -10.45 16.65
CA VAL A 230 -17.30 -9.53 15.96
C VAL A 230 -16.78 -9.16 14.57
N GLN A 231 -17.73 -8.98 13.63
CA GLN A 231 -17.51 -8.54 12.26
C GLN A 231 -17.03 -7.09 12.30
N ALA A 232 -15.89 -6.84 11.63
CA ALA A 232 -15.24 -5.54 11.55
C ALA A 232 -16.21 -4.44 11.18
N GLU A 233 -17.21 -4.79 10.35
CA GLU A 233 -18.29 -3.91 9.88
C GLU A 233 -19.17 -3.51 11.06
N SER A 234 -19.59 -4.49 11.86
CA SER A 234 -20.44 -4.26 13.04
C SER A 234 -19.75 -3.46 14.17
N ILE A 235 -18.40 -3.43 14.22
CA ILE A 235 -17.62 -2.67 15.22
C ILE A 235 -17.95 -1.21 15.12
N SER A 236 -18.04 -0.67 13.89
CA SER A 236 -18.42 0.73 13.62
C SER A 236 -19.89 0.94 14.00
N LYS A 237 -20.75 -0.06 13.65
CA LYS A 237 -22.20 -0.08 13.91
C LYS A 237 -22.49 -0.02 15.40
N ILE A 238 -21.91 -0.95 16.21
CA ILE A 238 -22.10 -1.00 17.66
C ILE A 238 -21.80 0.34 18.33
N CYS A 239 -20.64 0.93 18.02
CA CYS A 239 -20.20 2.19 18.62
C CYS A 239 -21.15 3.34 18.41
N LYS A 240 -21.70 3.45 17.20
CA LYS A 240 -22.65 4.51 16.87
C LYS A 240 -24.09 4.24 17.40
N THR A 241 -24.45 2.95 17.66
CA THR A 241 -25.79 2.57 18.10
C THR A 241 -25.97 2.29 19.60
N TRP A 242 -24.86 2.06 20.33
CA TRP A 242 -24.93 1.77 21.77
C TRP A 242 -24.79 3.02 22.64
N SER A 243 -25.94 3.63 22.96
CA SER A 243 -26.01 4.86 23.73
C SER A 243 -26.13 4.61 25.20
N HIS A 244 -25.21 5.19 25.98
CA HIS A 244 -25.19 5.08 27.46
C HIS A 244 -26.38 5.84 28.00
N GLN A 245 -27.23 5.16 28.76
CA GLN A 245 -28.43 5.73 29.33
C GLN A 245 -28.18 6.20 30.74
N GLY A 246 -27.43 5.40 31.51
CA GLY A 246 -27.17 5.68 32.91
C GLY A 246 -26.35 4.62 33.61
N THR A 247 -26.00 4.88 34.86
CA THR A 247 -25.14 4.02 35.63
C THR A 247 -25.67 3.76 37.06
N ARG A 248 -25.74 2.49 37.45
CA ARG A 248 -26.20 2.06 38.77
C ARG A 248 -25.01 1.48 39.51
N TYR A 249 -24.81 1.89 40.72
CA TYR A 249 -23.71 1.33 41.48
C TYR A 249 -24.27 0.33 42.47
N VAL A 250 -23.77 -0.90 42.44
CA VAL A 250 -24.26 -1.97 43.27
C VAL A 250 -23.14 -2.45 44.19
N LEU A 251 -23.43 -3.26 45.21
CA LEU A 251 -22.44 -3.79 46.16
C LEU A 251 -22.67 -5.28 46.33
N LYS A 252 -21.63 -6.08 46.18
CA LYS A 252 -21.80 -7.52 46.26
C LYS A 252 -20.85 -8.17 47.25
N SER A 253 -21.40 -8.84 48.28
CA SER A 253 -20.57 -9.51 49.29
C SER A 253 -19.78 -10.66 48.65
N ARG A 254 -18.53 -10.89 49.10
CA ARG A 254 -17.68 -11.94 48.54
C ARG A 254 -17.44 -13.09 49.52
N MET B 1 6.07 37.32 -31.09
CA MET B 1 6.15 38.75 -31.04
C MET B 1 5.96 39.34 -29.64
N GLU B 2 5.69 38.50 -28.62
CA GLU B 2 5.66 38.94 -27.21
C GLU B 2 6.96 38.44 -26.54
N SER B 3 7.50 39.11 -25.53
CA SER B 3 8.80 38.64 -24.99
C SER B 3 8.97 38.66 -23.49
N TYR B 4 9.91 37.88 -23.01
CA TYR B 4 10.20 37.81 -21.59
C TYR B 4 11.64 37.43 -21.43
N LEU B 5 12.32 38.12 -20.50
CA LEU B 5 13.75 37.93 -20.24
C LEU B 5 13.97 37.43 -18.84
N VAL B 6 14.86 36.43 -18.72
CA VAL B 6 15.34 35.91 -17.44
C VAL B 6 16.85 35.99 -17.39
N ASP B 7 17.31 37.07 -16.75
CA ASP B 7 18.72 37.40 -16.61
C ASP B 7 19.40 36.77 -15.38
N THR B 8 20.16 35.68 -15.62
CA THR B 8 20.86 34.97 -14.54
C THR B 8 22.33 35.33 -14.53
N TYR B 9 22.84 35.69 -15.71
CA TYR B 9 24.20 36.12 -16.00
C TYR B 9 24.14 37.48 -16.74
N GLN B 10 25.00 38.42 -16.33
CA GLN B 10 25.16 39.74 -16.99
C GLN B 10 26.65 39.81 -17.29
N GLY B 11 27.02 39.43 -18.50
CA GLY B 11 28.43 39.34 -18.85
C GLY B 11 28.75 39.56 -20.29
N ILE B 12 30.01 39.99 -20.54
CA ILE B 12 30.61 40.38 -21.84
C ILE B 12 30.21 39.36 -22.88
N PRO B 13 30.61 38.06 -22.82
CA PRO B 13 30.00 37.08 -23.70
C PRO B 13 29.09 36.21 -22.79
N TYR B 14 27.88 35.86 -23.23
CA TYR B 14 27.03 35.01 -22.40
C TYR B 14 26.32 34.01 -23.24
N THR B 15 25.96 32.84 -22.64
CA THR B 15 25.15 31.82 -23.32
C THR B 15 23.68 32.29 -23.42
N ALA B 16 23.12 32.17 -24.60
CA ALA B 16 21.73 32.51 -24.87
C ALA B 16 20.92 31.22 -25.02
N ALA B 17 19.91 31.10 -24.14
CA ALA B 17 18.91 30.04 -24.07
C ALA B 17 17.60 30.61 -24.63
N VAL B 18 17.29 30.26 -25.89
CA VAL B 18 16.07 30.77 -26.53
C VAL B 18 15.02 29.68 -26.64
N GLN B 19 13.77 30.03 -26.26
CA GLN B 19 12.58 29.18 -26.35
C GLN B 19 11.41 30.04 -26.89
N VAL B 20 10.60 29.45 -27.77
CA VAL B 20 9.49 30.16 -28.44
C VAL B 20 8.17 29.45 -28.32
N ASP B 21 7.07 30.21 -28.17
CA ASP B 21 5.74 29.60 -28.17
C ASP B 21 5.26 29.82 -29.59
N LEU B 22 5.04 28.70 -30.30
CA LEU B 22 4.62 28.70 -31.71
C LEU B 22 3.22 28.21 -31.87
N ILE B 23 2.67 28.52 -33.06
CA ILE B 23 1.37 28.12 -33.61
C ILE B 23 1.55 28.04 -35.09
N GLU B 24 1.18 26.89 -35.66
CA GLU B 24 1.26 26.61 -37.10
C GLU B 24 0.36 27.52 -37.94
N LYS B 25 0.83 27.90 -39.11
CA LYS B 25 0.02 28.67 -40.06
C LYS B 25 -0.51 27.63 -41.08
N ASP B 26 -1.61 26.96 -40.72
CA ASP B 26 -2.30 25.95 -41.52
C ASP B 26 -3.72 25.82 -41.02
N LEU B 27 -4.54 24.98 -41.70
CA LEU B 27 -5.95 24.80 -41.36
C LEU B 27 -6.32 23.85 -40.19
N LEU B 28 -5.29 23.21 -39.58
CA LEU B 28 -5.37 22.38 -38.38
C LEU B 28 -4.12 22.77 -37.60
N PRO B 29 -4.13 23.99 -36.99
CA PRO B 29 -2.93 24.48 -36.34
C PRO B 29 -2.64 23.87 -35.01
N ALA B 30 -1.38 23.50 -34.84
CA ALA B 30 -0.89 22.92 -33.61
C ALA B 30 -0.17 23.98 -32.88
N SER B 31 -0.32 24.02 -31.56
CA SER B 31 0.44 24.95 -30.74
C SER B 31 1.60 24.19 -30.14
N LEU B 32 2.79 24.77 -30.20
CA LEU B 32 4.05 24.13 -29.75
C LEU B 32 4.99 25.07 -29.08
N THR B 33 5.71 24.55 -28.10
CA THR B 33 6.77 25.24 -27.40
C THR B 33 8.03 24.46 -27.71
N ILE B 34 8.96 25.09 -28.43
CA ILE B 34 10.27 24.52 -28.80
C ILE B 34 11.35 25.50 -28.38
N TRP B 35 12.55 24.98 -28.18
CA TRP B 35 13.70 25.79 -27.80
C TRP B 35 14.86 25.55 -28.74
N PHE B 36 15.66 26.59 -28.93
CA PHE B 36 16.82 26.56 -29.79
C PHE B 36 18.05 25.88 -29.17
N PRO B 37 19.00 25.34 -29.96
CA PRO B 37 20.30 24.98 -29.38
C PRO B 37 20.91 26.24 -28.73
N LEU B 38 21.71 26.08 -27.67
CA LEU B 38 22.35 27.24 -27.02
C LEU B 38 23.40 27.88 -27.93
N PHE B 39 23.54 29.20 -27.87
CA PHE B 39 24.54 29.93 -28.63
C PHE B 39 25.14 31.06 -27.77
N GLN B 40 26.26 31.69 -28.21
CA GLN B 40 26.93 32.78 -27.50
C GLN B 40 26.44 34.10 -28.04
N ALA B 41 26.28 35.11 -27.16
CA ALA B 41 25.87 36.47 -27.53
C ALA B 41 26.80 37.49 -26.86
N ASN B 42 27.14 38.58 -27.60
CA ASN B 42 28.02 39.64 -27.13
C ASN B 42 27.30 40.96 -27.06
N THR B 43 25.99 40.99 -27.41
CA THR B 43 25.19 42.22 -27.41
C THR B 43 24.22 42.21 -26.24
N PRO B 44 23.84 43.39 -25.69
CA PRO B 44 22.89 43.42 -24.56
C PRO B 44 21.68 42.55 -24.73
N PRO B 45 21.24 41.87 -23.64
CA PRO B 45 20.11 40.93 -23.73
C PRO B 45 18.81 41.55 -24.21
N ALA B 46 18.45 42.74 -23.67
CA ALA B 46 17.25 43.50 -24.07
C ALA B 46 17.28 43.79 -25.58
N VAL B 47 18.50 44.02 -26.08
CA VAL B 47 18.76 44.26 -27.49
C VAL B 47 18.65 42.98 -28.34
N LEU B 48 19.21 41.85 -27.85
CA LEU B 48 19.10 40.56 -28.56
C LEU B 48 17.62 40.11 -28.65
N LEU B 49 16.86 40.30 -27.56
CA LEU B 49 15.44 39.97 -27.53
C LEU B 49 14.64 40.70 -28.61
N ASP B 50 14.87 42.01 -28.74
CA ASP B 50 14.23 42.84 -29.75
C ASP B 50 14.45 42.21 -31.12
N GLN B 51 15.71 41.86 -31.43
CA GLN B 51 16.10 41.23 -32.70
C GLN B 51 15.44 39.90 -32.85
N LEU B 52 15.34 39.15 -31.72
CA LEU B 52 14.70 37.83 -31.71
C LEU B 52 13.22 37.96 -31.99
N LYS B 53 12.58 39.11 -31.60
CA LYS B 53 11.17 39.35 -31.87
C LYS B 53 10.85 39.30 -33.40
N THR B 54 11.88 39.33 -34.27
CA THR B 54 11.70 39.29 -35.72
C THR B 54 11.90 37.87 -36.27
N LEU B 55 11.83 36.85 -35.36
CA LEU B 55 12.04 35.43 -35.63
C LEU B 55 11.01 34.94 -36.57
N THR B 56 11.42 34.18 -37.59
CA THR B 56 10.54 33.51 -38.55
C THR B 56 10.95 32.04 -38.56
N ILE B 57 10.01 31.18 -38.11
CA ILE B 57 10.27 29.76 -37.97
C ILE B 57 9.45 28.93 -38.91
N THR B 58 10.10 27.95 -39.54
CA THR B 58 9.47 26.97 -40.37
C THR B 58 9.72 25.53 -39.84
N THR B 59 8.63 24.78 -39.57
CA THR B 59 8.74 23.40 -39.09
C THR B 59 8.19 22.41 -40.10
N LEU B 60 8.63 21.16 -40.02
CA LEU B 60 8.22 20.08 -40.91
C LEU B 60 8.28 18.83 -40.07
N TYR B 61 7.13 18.14 -39.93
CA TYR B 61 6.99 16.97 -39.11
C TYR B 61 7.61 15.80 -39.79
N ALA B 62 8.53 15.12 -39.09
CA ALA B 62 9.22 13.94 -39.61
C ALA B 62 9.43 12.90 -38.52
N ALA B 63 9.75 11.68 -38.97
CA ALA B 63 10.02 10.50 -38.18
C ALA B 63 11.55 10.39 -38.02
N SER B 64 12.02 9.82 -36.90
CA SER B 64 13.44 9.59 -36.64
C SER B 64 13.61 8.33 -35.80
N GLN B 65 14.84 7.77 -35.78
CA GLN B 65 15.17 6.54 -35.03
C GLN B 65 14.83 6.69 -33.55
N ASN B 66 15.04 7.91 -33.01
CA ASN B 66 14.71 8.28 -31.62
C ASN B 66 13.38 9.05 -31.64
N GLY B 67 12.28 8.33 -31.94
CA GLY B 67 10.93 8.89 -32.02
C GLY B 67 10.67 9.99 -33.05
N PRO B 68 9.43 10.57 -33.11
CA PRO B 68 9.17 11.62 -34.11
C PRO B 68 9.84 12.93 -33.73
N ILE B 69 10.26 13.66 -34.74
CA ILE B 69 10.95 14.95 -34.60
C ILE B 69 10.27 16.03 -35.43
N LEU B 70 10.78 17.26 -35.33
CA LEU B 70 10.38 18.43 -36.09
C LEU B 70 11.64 19.03 -36.72
N LYS B 71 11.72 19.11 -38.04
CA LYS B 71 12.87 19.70 -38.68
C LYS B 71 12.61 21.21 -38.65
N VAL B 72 13.33 21.96 -37.79
CA VAL B 72 13.18 23.41 -37.64
C VAL B 72 14.20 24.14 -38.48
N ASN B 73 13.78 25.29 -39.06
CA ASN B 73 14.56 26.23 -39.86
C ASN B 73 14.10 27.60 -39.39
N ALA B 74 15.04 28.48 -38.99
CA ALA B 74 14.71 29.80 -38.44
C ALA B 74 15.60 30.91 -38.92
N SER B 75 15.02 32.14 -39.01
CA SER B 75 15.67 33.39 -39.44
C SER B 75 15.20 34.55 -38.55
N ALA B 76 16.00 35.63 -38.47
CA ALA B 76 15.68 36.85 -37.73
C ALA B 76 16.50 37.99 -38.29
N GLN B 77 16.06 39.22 -37.99
CA GLN B 77 16.68 40.43 -38.46
C GLN B 77 17.53 41.01 -37.36
N GLY B 78 18.73 41.44 -37.70
CA GLY B 78 19.67 42.02 -36.75
C GLY B 78 21.03 41.38 -36.85
N ALA B 79 22.08 42.17 -36.57
CA ALA B 79 23.48 41.74 -36.66
C ALA B 79 23.79 40.55 -35.75
N ALA B 80 23.31 40.61 -34.51
CA ALA B 80 23.52 39.58 -33.51
C ALA B 80 22.89 38.24 -33.89
N MET B 81 22.00 38.25 -34.88
CA MET B 81 21.31 37.06 -35.32
C MET B 81 22.13 36.17 -36.25
N SER B 82 23.37 36.57 -36.56
CA SER B 82 24.27 35.78 -37.43
C SER B 82 24.68 34.47 -36.77
N VAL B 83 24.79 34.49 -35.42
CA VAL B 83 25.15 33.37 -34.53
C VAL B 83 23.92 32.49 -34.18
N LEU B 84 22.68 32.95 -34.49
CA LEU B 84 21.45 32.19 -34.20
C LEU B 84 21.40 30.81 -34.88
N PRO B 85 21.18 29.67 -34.16
CA PRO B 85 21.14 28.37 -34.87
C PRO B 85 19.99 28.37 -35.89
N LYS B 86 20.36 28.25 -37.17
CA LYS B 86 19.39 28.41 -38.21
C LYS B 86 18.63 27.15 -38.62
N LYS B 87 19.26 25.95 -38.57
CA LYS B 87 18.61 24.72 -38.95
C LYS B 87 19.01 23.68 -37.92
N PHE B 88 18.01 23.22 -37.15
CA PHE B 88 18.14 22.26 -36.07
C PHE B 88 16.89 21.38 -35.93
N GLU B 89 17.08 20.12 -35.49
CA GLU B 89 15.98 19.17 -35.27
C GLU B 89 15.54 19.18 -33.82
N VAL B 90 14.23 18.99 -33.58
CA VAL B 90 13.71 18.95 -32.21
C VAL B 90 12.76 17.80 -31.99
N ASN B 91 12.77 17.21 -30.77
CA ASN B 91 11.83 16.15 -30.50
C ASN B 91 10.42 16.68 -30.49
N ALA B 92 9.58 16.06 -31.32
CA ALA B 92 8.18 16.40 -31.53
C ALA B 92 7.30 15.78 -30.49
N THR B 93 7.56 16.08 -29.21
CA THR B 93 6.75 15.57 -28.11
C THR B 93 5.83 16.70 -27.69
N VAL B 94 4.52 16.49 -27.98
CA VAL B 94 3.45 17.46 -27.79
C VAL B 94 2.41 17.00 -26.80
N ALA B 95 1.42 17.88 -26.54
CA ALA B 95 0.28 17.58 -25.69
C ALA B 95 -0.51 16.62 -26.55
N LEU B 96 -1.05 15.57 -25.93
CA LEU B 96 -1.71 14.55 -26.71
C LEU B 96 -2.74 14.93 -27.75
N ASP B 97 -3.47 16.07 -27.59
CA ASP B 97 -4.45 16.56 -28.58
C ASP B 97 -3.78 17.11 -29.78
N GLU B 98 -2.54 17.58 -29.63
CA GLU B 98 -1.80 18.18 -30.75
C GLU B 98 -1.33 17.20 -31.83
N TYR B 99 -1.26 15.89 -31.50
CA TYR B 99 -0.83 14.87 -32.46
C TYR B 99 -1.66 14.82 -33.75
N SER B 100 -2.95 15.06 -33.61
CA SER B 100 -3.91 15.11 -34.72
C SER B 100 -3.62 16.34 -35.58
N LYS B 101 -3.34 17.47 -34.94
CA LYS B 101 -3.04 18.73 -35.60
C LYS B 101 -1.75 18.74 -36.43
N LEU B 102 -0.78 17.87 -36.08
CA LEU B 102 0.55 17.70 -36.73
C LEU B 102 0.49 16.89 -38.04
N GLU B 103 0.70 17.55 -39.18
CA GLU B 103 0.69 16.93 -40.51
C GLU B 103 2.07 16.44 -40.93
N PHE B 104 2.17 15.16 -41.20
CA PHE B 104 3.43 14.56 -41.64
C PHE B 104 3.97 15.14 -42.92
N ASP B 105 5.26 15.46 -42.92
CA ASP B 105 6.04 15.95 -44.08
C ASP B 105 5.47 17.19 -44.76
N LYS B 106 4.72 18.04 -44.03
CA LYS B 106 4.17 19.27 -44.63
C LYS B 106 4.88 20.44 -44.04
N LEU B 107 5.69 21.09 -44.86
CA LEU B 107 6.47 22.26 -44.44
C LEU B 107 5.55 23.43 -44.17
N THR B 108 5.38 23.73 -42.88
CA THR B 108 4.50 24.82 -42.44
C THR B 108 5.30 25.96 -41.77
N VAL B 109 4.90 27.20 -42.00
CA VAL B 109 5.52 28.29 -41.27
C VAL B 109 4.77 28.39 -39.99
N CYS B 110 5.48 28.60 -38.91
CA CYS B 110 4.88 28.69 -37.59
C CYS B 110 4.89 30.16 -37.24
N GLU B 111 4.03 30.55 -36.29
CA GLU B 111 3.85 31.94 -35.87
C GLU B 111 4.21 32.05 -34.43
N VAL B 112 5.18 32.90 -34.10
CA VAL B 112 5.71 33.10 -32.74
C VAL B 112 4.76 33.95 -31.94
N LYS B 113 4.21 33.36 -30.86
CA LYS B 113 3.30 34.01 -29.94
C LYS B 113 4.11 34.76 -28.87
N THR B 114 5.21 34.15 -28.38
CA THR B 114 6.13 34.67 -27.36
C THR B 114 7.54 34.12 -27.64
N VAL B 115 8.59 34.97 -27.41
CA VAL B 115 10.02 34.67 -27.48
C VAL B 115 10.54 34.86 -26.10
N TYR B 116 11.22 33.83 -25.56
CA TYR B 116 11.84 33.90 -24.25
C TYR B 116 13.35 33.79 -24.40
N LEU B 117 14.09 34.64 -23.64
CA LEU B 117 15.54 34.65 -23.57
C LEU B 117 15.97 34.44 -22.14
N THR B 118 16.98 33.59 -21.95
CA THR B 118 17.57 33.30 -20.66
C THR B 118 19.07 33.43 -20.86
N THR B 119 19.71 34.25 -20.01
CA THR B 119 21.16 34.43 -20.09
C THR B 119 21.78 33.42 -19.13
N MET B 120 22.97 32.89 -19.48
CA MET B 120 23.73 31.90 -18.70
C MET B 120 25.22 32.20 -18.77
N LYS B 121 26.00 31.59 -17.88
CA LYS B 121 27.45 31.75 -17.84
C LYS B 121 27.98 30.92 -18.99
N PRO B 122 28.76 31.57 -19.89
CA PRO B 122 29.28 30.88 -21.08
C PRO B 122 30.00 29.58 -20.77
N TYR B 123 30.87 29.61 -19.75
CA TYR B 123 31.65 28.46 -19.26
C TYR B 123 30.83 27.14 -19.13
N GLY B 124 31.39 26.01 -19.56
CA GLY B 124 32.73 25.93 -20.15
C GLY B 124 32.64 26.25 -21.63
N MET B 125 33.24 27.39 -22.04
CA MET B 125 33.27 27.92 -23.41
C MET B 125 31.86 28.19 -24.01
N VAL B 126 31.14 27.12 -24.49
CA VAL B 126 29.77 27.07 -25.10
C VAL B 126 29.65 27.80 -26.51
N SER B 127 28.64 27.42 -27.35
CA SER B 127 28.45 27.88 -28.73
C SER B 127 27.75 29.22 -28.91
N VAL B 136 42.13 13.26 -3.37
CA VAL B 136 43.09 12.16 -3.24
C VAL B 136 42.35 10.84 -3.56
N GLY B 137 41.47 10.43 -2.64
CA GLY B 137 40.60 9.28 -2.78
C GLY B 137 39.29 9.91 -3.16
N LYS B 138 38.18 9.56 -2.45
CA LYS B 138 36.85 10.12 -2.77
C LYS B 138 35.71 9.12 -2.90
N LYS B 139 34.46 9.66 -2.83
CA LYS B 139 33.27 8.88 -3.13
C LYS B 139 32.40 8.49 -1.91
N THR B 140 32.23 9.41 -0.97
CA THR B 140 31.45 9.10 0.22
C THR B 140 30.09 9.76 0.22
N HIS B 141 30.08 11.04 -0.15
CA HIS B 141 28.87 11.86 -0.07
C HIS B 141 28.58 12.70 -1.29
N ASP B 142 27.30 13.13 -1.42
CA ASP B 142 26.82 14.00 -2.48
C ASP B 142 26.37 15.34 -1.92
N LEU B 143 26.89 16.45 -2.46
CA LEU B 143 26.46 17.74 -1.97
C LEU B 143 25.26 18.13 -2.77
N ILE B 144 24.09 18.29 -2.13
CA ILE B 144 22.86 18.63 -2.83
C ILE B 144 22.33 19.93 -2.30
N ALA B 145 21.81 20.82 -3.17
CA ALA B 145 21.23 22.09 -2.76
C ALA B 145 19.71 22.03 -2.93
N LEU B 146 18.98 22.31 -1.83
CA LEU B 146 17.52 22.33 -1.80
C LEU B 146 17.05 23.79 -2.02
N CYS B 147 16.67 24.13 -3.25
CA CYS B 147 16.20 25.46 -3.59
C CYS B 147 14.76 25.64 -3.19
N ASP B 148 14.49 26.62 -2.31
CA ASP B 148 13.18 26.92 -1.75
C ASP B 148 12.49 28.06 -2.46
N PHE B 149 11.25 27.88 -2.87
CA PHE B 149 10.47 28.84 -3.65
C PHE B 149 9.05 28.99 -3.11
N MET B 150 8.39 30.09 -3.48
CA MET B 150 7.01 30.30 -3.06
C MET B 150 6.18 30.66 -4.28
N ASP B 151 5.07 29.90 -4.53
CA ASP B 151 4.19 30.16 -5.67
C ASP B 151 3.22 31.20 -5.21
N LEU B 152 3.56 32.48 -5.39
CA LEU B 152 2.76 33.62 -4.96
C LEU B 152 1.31 33.60 -5.44
N GLU B 153 1.06 32.93 -6.60
CA GLU B 153 -0.30 32.75 -7.16
C GLU B 153 -1.09 31.82 -6.23
N LYS B 154 -0.44 30.74 -5.74
CA LYS B 154 -1.08 29.74 -4.89
C LYS B 154 -0.73 29.79 -3.39
N ASN B 155 0.32 30.54 -3.01
CA ASN B 155 0.89 30.69 -1.64
C ASN B 155 1.29 29.36 -1.03
N THR B 156 1.83 28.47 -1.88
CA THR B 156 2.26 27.14 -1.51
C THR B 156 3.74 26.99 -1.83
N PRO B 157 4.55 26.58 -0.83
CA PRO B 157 6.00 26.40 -1.09
C PRO B 157 6.33 25.26 -2.07
N VAL B 158 7.57 25.25 -2.57
CA VAL B 158 8.08 24.23 -3.51
C VAL B 158 9.60 24.21 -3.40
N THR B 159 10.18 23.02 -3.22
CA THR B 159 11.62 22.80 -3.03
C THR B 159 12.13 21.90 -4.15
N ILE B 160 13.03 22.46 -4.98
CA ILE B 160 13.63 21.74 -6.11
C ILE B 160 15.09 21.39 -5.73
N PRO B 161 15.45 20.07 -5.66
CA PRO B 161 16.82 19.71 -5.27
C PRO B 161 17.75 19.69 -6.47
N ALA B 162 18.92 20.33 -6.31
CA ALA B 162 19.97 20.43 -7.31
C ALA B 162 21.19 19.67 -6.80
N PHE B 163 21.75 18.73 -7.61
CA PHE B 163 22.98 18.02 -7.25
C PHE B 163 24.16 18.91 -7.61
N ILE B 164 25.10 19.14 -6.69
CA ILE B 164 26.26 19.98 -6.96
C ILE B 164 27.55 19.20 -7.20
N LYS B 165 28.17 18.67 -6.13
CA LYS B 165 29.44 17.95 -6.20
C LYS B 165 29.34 16.66 -5.43
N SER B 166 30.37 15.82 -5.54
CA SER B 166 30.50 14.59 -4.79
C SER B 166 31.80 14.72 -4.04
N VAL B 167 31.71 14.72 -2.68
CA VAL B 167 32.85 14.91 -1.76
C VAL B 167 33.20 13.69 -0.98
N SER B 168 34.46 13.64 -0.50
CA SER B 168 34.95 12.54 0.31
C SER B 168 35.28 12.92 1.70
N ILE B 169 34.75 12.14 2.63
CA ILE B 169 34.93 12.37 4.04
C ILE B 169 35.72 11.25 4.72
N LYS B 170 36.77 11.61 5.51
CA LYS B 170 37.60 10.69 6.31
C LYS B 170 36.88 10.35 7.62
N GLU B 171 36.51 9.07 7.76
CA GLU B 171 35.81 8.39 8.86
C GLU B 171 35.01 9.25 9.85
N GLN B 187 27.50 30.45 -1.05
CA GLN B 187 26.63 29.48 -0.37
C GLN B 187 25.65 30.14 0.62
N ALA B 188 26.20 30.98 1.60
CA ALA B 188 25.43 31.75 2.60
C ALA B 188 24.22 32.42 1.87
N LEU B 189 24.53 33.09 0.72
CA LEU B 189 23.61 33.68 -0.26
C LEU B 189 24.02 33.35 -1.72
N THR B 190 23.09 32.66 -2.42
CA THR B 190 23.12 32.23 -3.81
C THR B 190 21.79 32.66 -4.39
N GLN B 191 21.67 32.61 -5.70
CA GLN B 191 20.44 32.98 -6.38
C GLN B 191 19.93 31.82 -7.21
N ALA B 192 18.60 31.62 -7.21
CA ALA B 192 17.95 30.59 -8.03
C ALA B 192 16.79 31.22 -8.78
N LYS B 193 16.64 30.83 -10.06
CA LYS B 193 15.54 31.34 -10.88
C LYS B 193 14.92 30.27 -11.76
N ILE B 194 13.57 30.30 -11.87
CA ILE B 194 12.81 29.41 -12.74
C ILE B 194 12.79 30.15 -14.11
N ALA B 195 13.33 29.50 -15.13
CA ALA B 195 13.47 30.04 -16.47
C ALA B 195 12.91 29.11 -17.56
N PRO B 196 12.30 29.66 -18.63
CA PRO B 196 11.80 28.79 -19.68
C PRO B 196 12.87 28.36 -20.68
N TYR B 197 13.38 27.12 -20.55
CA TYR B 197 14.31 26.62 -21.55
C TYR B 197 14.00 25.24 -22.02
N ALA B 198 14.24 24.22 -21.23
CA ALA B 198 13.88 22.92 -21.73
C ALA B 198 12.43 22.71 -21.26
N GLY B 199 11.60 23.68 -21.63
CA GLY B 199 10.23 23.83 -21.17
C GLY B 199 10.28 24.83 -20.01
N LEU B 200 10.82 24.37 -18.88
CA LEU B 200 11.12 25.12 -17.66
C LEU B 200 12.33 24.44 -17.02
N ILE B 201 13.26 25.25 -16.55
CA ILE B 201 14.50 24.81 -15.93
C ILE B 201 14.76 25.71 -14.78
N MET B 202 15.32 25.17 -13.71
CA MET B 202 15.67 26.02 -12.61
C MET B 202 17.16 26.20 -12.74
N ILE B 203 17.59 27.44 -12.69
CA ILE B 203 19.00 27.73 -12.79
C ILE B 203 19.48 28.40 -11.51
N MET B 204 20.48 27.77 -10.87
CA MET B 204 21.01 28.32 -9.63
C MET B 204 22.47 28.67 -9.76
N THR B 205 22.81 29.86 -9.27
CA THR B 205 24.15 30.39 -9.35
C THR B 205 24.76 30.54 -7.95
N MET B 206 25.96 30.02 -7.74
CA MET B 206 26.61 30.06 -6.43
C MET B 206 27.67 31.11 -6.47
N ASN B 207 27.46 32.24 -5.77
CA ASN B 207 28.41 33.36 -5.89
C ASN B 207 29.80 33.14 -5.29
N ASN B 208 29.84 32.38 -4.22
CA ASN B 208 31.03 31.93 -3.54
C ASN B 208 30.61 30.57 -2.94
N PRO B 209 30.82 29.43 -3.66
CA PRO B 209 30.44 28.12 -3.09
C PRO B 209 31.12 27.85 -1.74
N LYS B 210 32.31 28.50 -1.50
CA LYS B 210 33.14 28.47 -0.29
C LYS B 210 33.43 27.09 0.24
N GLY B 217 34.69 26.31 -7.69
CA GLY B 217 34.45 27.57 -7.00
C GLY B 217 33.88 28.69 -7.85
N ALA B 218 33.87 29.94 -7.27
CA ALA B 218 33.40 31.23 -7.84
C ALA B 218 31.94 31.19 -8.33
N GLY B 219 31.52 32.19 -9.11
CA GLY B 219 30.19 32.22 -9.69
C GLY B 219 30.08 31.04 -10.66
N THR B 220 29.24 30.03 -10.31
CA THR B 220 29.00 28.79 -11.10
C THR B 220 27.54 28.37 -11.02
N GLN B 221 26.99 27.95 -12.16
CA GLN B 221 25.59 27.61 -12.34
C GLN B 221 25.27 26.15 -12.44
N VAL B 222 24.13 25.77 -11.86
CA VAL B 222 23.57 24.40 -11.89
C VAL B 222 22.18 24.54 -12.49
N ILE B 223 21.89 23.74 -13.53
CA ILE B 223 20.59 23.75 -14.21
C ILE B 223 19.85 22.47 -13.87
N VAL B 224 18.62 22.61 -13.40
CA VAL B 224 17.79 21.44 -13.11
C VAL B 224 16.63 21.44 -14.11
N GLU B 225 16.43 20.34 -14.83
CA GLU B 225 15.37 20.30 -15.82
C GLU B 225 14.05 19.84 -15.20
N LEU B 226 13.02 20.62 -15.45
CA LEU B 226 11.73 20.35 -14.95
C LEU B 226 10.86 19.85 -16.05
N GLY B 227 11.30 19.77 -17.31
CA GLY B 227 10.49 19.22 -18.38
C GLY B 227 9.47 20.14 -19.01
N ALA B 228 9.06 19.78 -20.23
CA ALA B 228 8.17 20.60 -21.03
C ALA B 228 6.71 20.50 -20.67
N TYR B 229 6.39 19.43 -19.98
CA TYR B 229 5.06 19.12 -19.43
C TYR B 229 4.25 20.33 -18.89
N VAL B 230 3.74 21.19 -19.79
CA VAL B 230 3.03 22.39 -19.36
C VAL B 230 2.45 23.23 -20.52
N GLN B 231 1.46 24.05 -20.17
CA GLN B 231 0.76 24.93 -21.10
C GLN B 231 1.57 26.20 -21.26
N ALA B 232 1.97 26.54 -22.47
CA ALA B 232 2.78 27.72 -22.75
C ALA B 232 2.45 28.93 -21.88
N GLU B 233 1.16 29.15 -21.61
CA GLU B 233 0.63 30.22 -20.74
C GLU B 233 1.02 29.90 -19.29
N SER B 234 0.95 28.59 -18.91
CA SER B 234 1.39 28.15 -17.58
C SER B 234 2.88 28.50 -17.36
N ILE B 235 3.74 28.30 -18.41
CA ILE B 235 5.16 28.65 -18.38
C ILE B 235 5.33 30.08 -18.02
N SER B 236 4.68 30.96 -18.77
CA SER B 236 4.83 32.40 -18.56
C SER B 236 4.43 32.79 -17.14
N LYS B 237 3.26 32.27 -16.70
CA LYS B 237 2.68 32.50 -15.39
C LYS B 237 3.63 32.05 -14.29
N ILE B 238 4.18 30.80 -14.42
CA ILE B 238 5.10 30.21 -13.47
C ILE B 238 6.33 31.06 -13.20
N CYS B 239 7.00 31.53 -14.25
CA CYS B 239 8.22 32.25 -14.05
C CYS B 239 8.07 33.49 -13.23
N LYS B 240 6.93 34.18 -13.40
CA LYS B 240 6.64 35.40 -12.65
C LYS B 240 6.14 35.14 -11.20
N THR B 241 5.61 33.92 -10.92
CA THR B 241 5.05 33.58 -9.61
C THR B 241 5.93 32.74 -8.67
N TRP B 242 6.97 32.07 -9.20
CA TRP B 242 7.82 31.22 -8.36
C TRP B 242 9.05 31.97 -7.84
N SER B 243 8.90 32.58 -6.66
CA SER B 243 9.93 33.39 -6.04
C SER B 243 10.84 32.59 -5.15
N HIS B 244 12.17 32.70 -5.39
CA HIS B 244 13.24 32.03 -4.62
C HIS B 244 13.23 32.58 -3.20
N GLN B 245 13.07 31.75 -2.21
CA GLN B 245 13.04 32.20 -0.81
C GLN B 245 14.38 31.99 -0.16
N GLY B 246 15.04 30.90 -0.55
CA GLY B 246 16.32 30.54 0.03
C GLY B 246 16.85 29.19 -0.41
N THR B 247 18.03 28.86 0.05
CA THR B 247 18.71 27.65 -0.36
C THR B 247 19.38 26.94 0.81
N ARG B 248 19.15 25.65 0.96
CA ARG B 248 19.68 24.80 2.01
C ARG B 248 20.65 23.81 1.37
N TYR B 249 21.80 23.63 1.96
CA TYR B 249 22.75 22.71 1.40
C TYR B 249 22.76 21.48 2.26
N VAL B 250 22.55 20.32 1.68
CA VAL B 250 22.47 19.07 2.38
C VAL B 250 23.56 18.09 1.91
N LEU B 251 23.81 16.98 2.64
CA LEU B 251 24.82 15.98 2.27
C LEU B 251 24.20 14.59 2.35
N LYS B 252 24.32 13.80 1.30
CA LYS B 252 23.72 12.48 1.30
C LYS B 252 24.70 11.37 0.99
N SER B 253 24.90 10.42 1.91
CA SER B 253 25.83 9.31 1.63
C SER B 253 25.30 8.43 0.49
N ARG B 254 26.22 7.87 -0.32
CA ARG B 254 25.86 7.03 -1.47
C ARG B 254 26.21 5.56 -1.31
N MET C 1 -27.92 -32.43 25.84
CA MET C 1 -28.44 -33.75 25.64
C MET C 1 -28.08 -34.38 24.29
N GLU C 2 -27.37 -33.64 23.43
CA GLU C 2 -26.78 -34.19 22.20
C GLU C 2 -25.23 -34.35 22.43
N SER C 3 -24.55 -35.31 21.80
CA SER C 3 -23.12 -35.44 22.14
C SER C 3 -22.17 -35.71 20.99
N TYR C 4 -20.89 -35.42 21.20
CA TYR C 4 -19.85 -35.65 20.20
C TYR C 4 -18.57 -35.91 20.93
N LEU C 5 -17.82 -36.92 20.45
CA LEU C 5 -16.56 -37.33 21.05
C LEU C 5 -15.40 -37.14 20.06
N VAL C 6 -14.24 -36.67 20.56
CA VAL C 6 -13.00 -36.59 19.79
C VAL C 6 -11.94 -37.31 20.60
N ASP C 7 -11.59 -38.55 20.16
CA ASP C 7 -10.62 -39.42 20.83
C ASP C 7 -9.17 -39.25 20.35
N THR C 8 -8.48 -38.26 20.93
CA THR C 8 -7.08 -38.03 20.57
C THR C 8 -6.19 -39.02 21.28
N TYR C 9 -6.58 -39.39 22.53
CA TYR C 9 -5.88 -40.29 23.45
C TYR C 9 -6.79 -41.43 23.87
N GLN C 10 -6.26 -42.64 24.02
CA GLN C 10 -6.98 -43.83 24.52
C GLN C 10 -6.10 -44.44 25.58
N GLY C 11 -6.36 -44.12 26.84
CA GLY C 11 -5.48 -44.57 27.90
C GLY C 11 -6.14 -44.70 29.25
N ILE C 12 -5.53 -45.56 30.10
CA ILE C 12 -5.99 -45.98 31.44
C ILE C 12 -6.46 -44.76 32.20
N PRO C 13 -5.62 -43.76 32.55
CA PRO C 13 -6.16 -42.50 33.06
C PRO C 13 -5.97 -41.47 31.91
N TYR C 14 -6.95 -40.62 31.65
CA TYR C 14 -6.80 -39.62 30.59
C TYR C 14 -7.38 -38.32 30.99
N THR C 15 -6.85 -37.20 30.44
CA THR C 15 -7.42 -35.89 30.68
C THR C 15 -8.73 -35.72 29.88
N ALA C 16 -9.78 -35.25 30.57
CA ALA C 16 -11.07 -34.98 29.98
C ALA C 16 -11.27 -33.48 29.82
N ALA C 17 -11.49 -33.07 28.55
CA ALA C 17 -11.77 -31.73 28.07
C ALA C 17 -13.25 -31.66 27.75
N VAL C 18 -14.04 -31.06 28.66
CA VAL C 18 -15.49 -30.97 28.44
C VAL C 18 -15.93 -29.57 28.06
N GLN C 19 -16.73 -29.45 26.98
CA GLN C 19 -17.35 -28.20 26.47
C GLN C 19 -18.87 -28.43 26.21
N VAL C 20 -19.69 -27.45 26.56
CA VAL C 20 -21.14 -27.57 26.44
C VAL C 20 -21.76 -26.40 25.71
N ASP C 21 -22.79 -26.67 24.88
CA ASP C 21 -23.53 -25.60 24.20
C ASP C 21 -24.75 -25.43 25.07
N LEU C 22 -24.88 -24.23 25.68
CA LEU C 22 -25.95 -23.89 26.61
C LEU C 22 -26.89 -22.88 26.04
N ILE C 23 -28.07 -22.84 26.67
CA ILE C 23 -29.17 -21.90 26.47
C ILE C 23 -29.85 -21.72 27.81
N GLU C 24 -29.97 -20.45 28.25
CA GLU C 24 -30.57 -20.07 29.53
C GLU C 24 -32.01 -20.47 29.56
N LYS C 25 -32.50 -20.75 30.76
CA LYS C 25 -33.92 -21.00 31.00
C LYS C 25 -34.44 -19.73 31.69
N ASP C 26 -34.76 -18.71 30.88
CA ASP C 26 -35.32 -17.43 31.29
C ASP C 26 -36.06 -16.81 30.13
N LEU C 27 -36.68 -15.63 30.35
CA LEU C 27 -37.49 -14.94 29.33
C LEU C 27 -36.77 -14.13 28.24
N LEU C 28 -35.44 -14.02 28.35
CA LEU C 28 -34.53 -13.41 27.37
C LEU C 28 -33.33 -14.36 27.37
N PRO C 29 -33.50 -15.55 26.75
CA PRO C 29 -32.45 -16.57 26.80
C PRO C 29 -31.28 -16.28 25.91
N ALA C 30 -30.11 -16.41 26.51
CA ALA C 30 -28.85 -16.22 25.86
C ALA C 30 -28.34 -17.57 25.53
N SER C 31 -27.73 -17.70 24.36
CA SER C 31 -27.06 -18.93 24.01
C SER C 31 -25.57 -18.77 24.30
N LEU C 32 -24.95 -19.80 24.92
CA LEU C 32 -23.58 -19.79 25.43
C LEU C 32 -22.85 -21.08 25.18
N THR C 33 -21.56 -20.97 24.85
CA THR C 33 -20.66 -22.10 24.73
C THR C 33 -19.58 -21.85 25.79
N ILE C 34 -19.53 -22.74 26.80
CA ILE C 34 -18.56 -22.70 27.88
C ILE C 34 -17.91 -24.08 28.00
N TRP C 35 -16.72 -24.12 28.55
CA TRP C 35 -15.97 -25.35 28.78
C TRP C 35 -15.51 -25.42 30.22
N PHE C 36 -15.41 -26.66 30.68
CA PHE C 36 -15.05 -27.04 32.03
C PHE C 36 -13.55 -27.00 32.30
N PRO C 37 -13.09 -26.74 33.54
CA PRO C 37 -11.68 -27.00 33.84
C PRO C 37 -11.34 -28.47 33.48
N LEU C 38 -10.11 -28.76 33.06
CA LEU C 38 -9.75 -30.16 32.74
C LEU C 38 -9.73 -31.03 34.00
N PHE C 39 -10.11 -32.31 33.85
CA PHE C 39 -10.07 -33.26 34.95
C PHE C 39 -9.59 -34.62 34.43
N GLN C 40 -9.26 -35.57 35.35
CA GLN C 40 -8.80 -36.91 35.00
C GLN C 40 -9.97 -37.86 35.03
N ALA C 41 -10.01 -38.83 34.09
CA ALA C 41 -11.05 -39.87 33.99
C ALA C 41 -10.42 -41.25 33.83
N ASN C 42 -11.02 -42.27 34.47
CA ASN C 42 -10.53 -43.66 34.44
C ASN C 42 -11.55 -44.58 33.82
N THR C 43 -12.70 -44.04 33.38
CA THR C 43 -13.79 -44.84 32.77
C THR C 43 -13.88 -44.60 31.28
N PRO C 44 -14.34 -45.59 30.47
CA PRO C 44 -14.42 -45.38 29.01
C PRO C 44 -15.05 -44.06 28.60
N PRO C 45 -14.47 -43.41 27.56
CA PRO C 45 -14.98 -42.11 27.10
C PRO C 45 -16.44 -42.10 26.69
N ALA C 46 -16.88 -43.13 25.91
CA ALA C 46 -18.28 -43.25 25.47
C ALA C 46 -19.20 -43.34 26.68
N VAL C 47 -18.68 -43.96 27.76
CA VAL C 47 -19.37 -44.10 29.02
C VAL C 47 -19.41 -42.79 29.82
N LEU C 48 -18.30 -42.05 29.85
CA LEU C 48 -18.25 -40.74 30.53
C LEU C 48 -19.22 -39.75 29.85
N LEU C 49 -19.29 -39.77 28.49
CA LEU C 49 -20.18 -38.92 27.71
C LEU C 49 -21.66 -39.14 28.06
N ASP C 50 -22.06 -40.41 28.14
CA ASP C 50 -23.42 -40.79 28.53
C ASP C 50 -23.77 -40.14 29.85
N GLN C 51 -22.86 -40.27 30.85
CA GLN C 51 -23.05 -39.70 32.18
C GLN C 51 -23.09 -38.20 32.10
N LEU C 52 -22.24 -37.61 31.23
CA LEU C 52 -22.17 -36.17 31.01
C LEU C 52 -23.47 -35.67 30.41
N LYS C 53 -24.20 -36.51 29.62
CA LYS C 53 -25.48 -36.14 29.03
C LYS C 53 -26.53 -35.79 30.12
N THR C 54 -26.25 -36.10 31.40
CA THR C 54 -27.16 -35.79 32.52
C THR C 54 -26.73 -34.51 33.24
N LEU C 55 -25.89 -33.67 32.56
CA LEU C 55 -25.31 -32.43 33.11
C LEU C 55 -26.40 -31.46 33.37
N THR C 56 -26.34 -30.81 34.54
CA THR C 56 -27.24 -29.73 34.95
C THR C 56 -26.36 -28.55 35.36
N ILE C 57 -26.46 -27.45 34.60
CA ILE C 57 -25.63 -26.28 34.81
C ILE C 57 -26.44 -25.10 35.23
N THR C 58 -25.92 -24.38 36.23
CA THR C 58 -26.46 -23.12 36.70
C THR C 58 -25.43 -21.98 36.57
N THR C 59 -25.78 -20.92 35.84
CA THR C 59 -24.90 -19.76 35.67
C THR C 59 -25.47 -18.51 36.34
N LEU C 60 -24.60 -17.58 36.69
CA LEU C 60 -24.99 -16.32 37.32
C LEU C 60 -23.99 -15.30 36.80
N TYR C 61 -24.50 -14.25 36.13
CA TYR C 61 -23.68 -13.21 35.49
C TYR C 61 -23.16 -12.30 36.55
N ALA C 62 -21.82 -12.15 36.58
CA ALA C 62 -21.13 -11.28 37.53
C ALA C 62 -19.95 -10.57 36.89
N ALA C 63 -19.50 -9.52 37.57
CA ALA C 63 -18.40 -8.66 37.25
C ALA C 63 -17.15 -9.19 37.95
N SER C 64 -15.96 -8.97 37.35
CA SER C 64 -14.68 -9.35 37.95
C SER C 64 -13.59 -8.37 37.52
N GLN C 65 -12.47 -8.33 38.24
CA GLN C 65 -11.35 -7.43 37.96
C GLN C 65 -10.85 -7.59 36.53
N ASN C 66 -10.85 -8.84 36.02
CA ASN C 66 -10.46 -9.22 34.65
C ASN C 66 -11.79 -9.41 33.84
N GLY C 67 -12.48 -8.30 33.60
CA GLY C 67 -13.74 -8.27 32.85
C GLY C 67 -14.92 -9.05 33.42
N PRO C 68 -16.09 -9.09 32.71
CA PRO C 68 -17.23 -9.83 33.26
C PRO C 68 -17.03 -11.34 33.13
N ILE C 69 -17.57 -12.06 34.11
CA ILE C 69 -17.49 -13.52 34.21
C ILE C 69 -18.86 -14.13 34.39
N LEU C 70 -18.91 -15.46 34.44
CA LEU C 70 -20.10 -16.28 34.70
C LEU C 70 -19.73 -17.24 35.84
N LYS C 71 -20.44 -17.16 36.96
CA LYS C 71 -20.16 -18.09 38.05
C LYS C 71 -20.95 -19.33 37.72
N VAL C 72 -20.25 -20.41 37.31
CA VAL C 72 -20.86 -21.68 36.93
C VAL C 72 -20.82 -22.65 38.11
N ASN C 73 -21.91 -23.45 38.21
CA ASN C 73 -22.13 -24.52 39.16
C ASN C 73 -22.75 -25.64 38.34
N ALA C 74 -22.13 -26.84 38.37
CA ALA C 74 -22.58 -27.98 37.55
C ALA C 74 -22.68 -29.26 38.34
N SER C 75 -23.59 -30.18 37.92
CA SER C 75 -23.86 -31.53 38.47
C SER C 75 -24.18 -32.52 37.33
N ALA C 76 -23.98 -33.81 37.58
CA ALA C 76 -24.32 -34.89 36.64
C ALA C 76 -24.50 -36.18 37.41
N GLN C 77 -25.17 -37.17 36.80
CA GLN C 77 -25.44 -38.45 37.41
C GLN C 77 -24.46 -39.46 36.88
N GLY C 78 -23.96 -40.31 37.77
CA GLY C 78 -22.96 -41.31 37.40
C GLY C 78 -21.74 -41.25 38.30
N ALA C 79 -21.12 -42.42 38.53
CA ALA C 79 -19.96 -42.57 39.42
C ALA C 79 -18.79 -41.73 39.01
N ALA C 80 -18.48 -41.75 37.73
CA ALA C 80 -17.37 -41.01 37.14
C ALA C 80 -17.53 -39.51 37.27
N MET C 81 -18.72 -39.03 37.60
CA MET C 81 -19.00 -37.63 37.74
C MET C 81 -18.59 -37.02 39.07
N SER C 82 -18.00 -37.83 39.98
CA SER C 82 -17.52 -37.37 41.29
C SER C 82 -16.33 -36.40 41.14
N VAL C 83 -15.49 -36.65 40.10
CA VAL C 83 -14.30 -35.88 39.69
C VAL C 83 -14.66 -34.65 38.83
N LEU C 84 -15.90 -34.54 38.34
CA LEU C 84 -16.35 -33.41 37.50
C LEU C 84 -16.20 -32.04 38.23
N PRO C 85 -15.52 -31.01 37.65
CA PRO C 85 -15.41 -29.71 38.38
C PRO C 85 -16.80 -29.12 38.62
N LYS C 86 -17.16 -28.99 39.89
CA LYS C 86 -18.48 -28.60 40.30
C LYS C 86 -18.81 -27.10 40.33
N LYS C 87 -17.84 -26.28 40.74
CA LYS C 87 -18.06 -24.86 40.84
C LYS C 87 -16.80 -24.19 40.36
N PHE C 88 -16.93 -23.44 39.22
CA PHE C 88 -15.87 -22.78 38.51
C PHE C 88 -16.35 -21.51 37.80
N GLU C 89 -15.47 -20.49 37.69
CA GLU C 89 -15.79 -19.22 37.01
C GLU C 89 -15.30 -19.24 35.59
N VAL C 90 -16.05 -18.59 34.68
CA VAL C 90 -15.67 -18.53 33.25
C VAL C 90 -15.82 -17.13 32.69
N ASN C 91 -14.93 -16.74 31.77
CA ASN C 91 -15.06 -15.45 31.17
C ASN C 91 -16.31 -15.41 30.33
N ALA C 92 -17.16 -14.40 30.62
CA ALA C 92 -18.45 -14.14 29.97
C ALA C 92 -18.28 -13.36 28.71
N THR C 93 -17.56 -13.93 27.78
CA THR C 93 -17.34 -13.26 26.54
C THR C 93 -18.18 -13.97 25.48
N VAL C 94 -19.16 -13.21 24.98
CA VAL C 94 -20.21 -13.69 24.09
C VAL C 94 -20.26 -12.95 22.76
N ALA C 95 -21.16 -13.38 21.89
CA ALA C 95 -21.45 -12.74 20.61
C ALA C 95 -22.17 -11.48 21.05
N LEU C 96 -21.85 -10.35 20.43
CA LEU C 96 -22.39 -9.08 20.91
C LEU C 96 -23.87 -8.95 21.15
N ASP C 97 -24.71 -9.63 20.33
CA ASP C 97 -26.17 -9.58 20.47
C ASP C 97 -26.57 -10.27 21.74
N GLU C 98 -25.72 -11.16 22.24
CA GLU C 98 -26.02 -11.87 23.45
C GLU C 98 -25.98 -11.05 24.72
N TYR C 99 -25.14 -10.00 24.78
CA TYR C 99 -25.00 -9.12 25.95
C TYR C 99 -26.29 -8.57 26.54
N SER C 100 -27.24 -8.26 25.66
CA SER C 100 -28.59 -7.79 26.02
C SER C 100 -29.35 -8.91 26.75
N LYS C 101 -29.19 -10.15 26.28
CA LYS C 101 -29.80 -11.36 26.85
C LYS C 101 -29.27 -11.80 28.21
N LEU C 102 -28.01 -11.44 28.58
CA LEU C 102 -27.38 -11.70 29.89
C LEU C 102 -27.88 -10.76 31.01
N GLU C 103 -28.58 -11.30 32.00
CA GLU C 103 -29.10 -10.56 33.15
C GLU C 103 -28.13 -10.59 34.32
N PHE C 104 -27.71 -9.42 34.76
CA PHE C 104 -26.78 -9.29 35.87
C PHE C 104 -27.32 -9.88 37.15
N ASP C 105 -26.50 -10.69 37.83
CA ASP C 105 -26.76 -11.28 39.14
C ASP C 105 -28.05 -12.12 39.24
N LYS C 106 -28.52 -12.68 38.13
CA LYS C 106 -29.73 -13.50 38.18
C LYS C 106 -29.34 -14.94 37.98
N LEU C 107 -29.45 -15.74 39.06
CA LEU C 107 -29.10 -17.16 39.01
C LEU C 107 -30.08 -17.92 38.13
N THR C 108 -29.59 -18.28 36.92
CA THR C 108 -30.40 -18.99 35.93
C THR C 108 -29.90 -20.41 35.67
N VAL C 109 -30.82 -21.36 35.49
CA VAL C 109 -30.38 -22.68 35.08
C VAL C 109 -30.26 -22.63 33.59
N CYS C 110 -29.23 -23.25 33.07
CA CYS C 110 -29.00 -23.27 31.64
C CYS C 110 -29.38 -24.65 31.17
N GLU C 111 -29.63 -24.80 29.86
CA GLU C 111 -30.05 -26.06 29.26
C GLU C 111 -29.03 -26.48 28.26
N VAL C 112 -28.48 -27.67 28.41
CA VAL C 112 -27.44 -28.23 27.55
C VAL C 112 -28.02 -28.72 26.21
N LYS C 113 -27.60 -28.10 25.11
CA LYS C 113 -28.04 -28.45 23.78
C LYS C 113 -27.14 -29.59 23.24
N THR C 114 -25.82 -29.52 23.51
CA THR C 114 -24.78 -30.48 23.11
C THR C 114 -23.68 -30.50 24.18
N VAL C 115 -23.13 -31.70 24.45
CA VAL C 115 -22.01 -32.00 25.34
C VAL C 115 -20.92 -32.55 24.46
N TYR C 116 -19.74 -31.93 24.54
CA TYR C 116 -18.58 -32.42 23.81
C TYR C 116 -17.51 -32.90 24.80
N LEU C 117 -16.90 -34.06 24.48
CA LEU C 117 -15.81 -34.66 25.22
C LEU C 117 -14.59 -34.81 24.29
N THR C 118 -13.41 -34.46 24.81
CA THR C 118 -12.16 -34.62 24.11
C THR C 118 -11.22 -35.30 25.09
N THR C 119 -10.59 -36.40 24.66
CA THR C 119 -9.63 -37.12 25.50
C THR C 119 -8.25 -36.57 25.17
N MET C 120 -7.35 -36.53 26.16
CA MET C 120 -5.98 -36.01 26.06
C MET C 120 -5.01 -36.86 26.90
N LYS C 121 -3.71 -36.67 26.70
CA LYS C 121 -2.66 -37.34 27.47
C LYS C 121 -2.59 -36.60 28.79
N PRO C 122 -2.62 -37.28 29.96
CA PRO C 122 -2.52 -36.54 31.22
C PRO C 122 -1.16 -35.87 31.38
N TYR C 123 -1.18 -34.62 31.90
CA TYR C 123 0.04 -33.82 32.17
C TYR C 123 -0.16 -33.04 33.49
N LYS C 138 22.24 -23.02 23.41
CA LYS C 138 21.55 -21.81 23.87
C LYS C 138 20.58 -21.17 22.85
N LYS C 139 19.53 -21.90 22.44
CA LYS C 139 18.43 -21.47 21.56
C LYS C 139 18.74 -20.55 20.39
N THR C 140 18.71 -21.15 19.19
CA THR C 140 18.99 -20.53 17.89
C THR C 140 17.77 -20.57 16.98
N HIS C 141 17.08 -21.71 16.96
CA HIS C 141 15.96 -21.96 16.07
C HIS C 141 14.76 -22.50 16.79
N ASP C 142 13.59 -22.44 16.12
CA ASP C 142 12.32 -22.94 16.62
C ASP C 142 11.78 -24.07 15.74
N LEU C 143 11.41 -25.20 16.33
CA LEU C 143 10.86 -26.29 15.53
C LEU C 143 9.38 -26.04 15.48
N ILE C 144 8.82 -25.80 14.30
CA ILE C 144 7.40 -25.54 14.14
C ILE C 144 6.78 -26.57 13.24
N ALA C 145 5.57 -27.05 13.56
CA ALA C 145 4.87 -28.05 12.76
C ALA C 145 3.69 -27.40 12.07
N LEU C 146 3.66 -27.50 10.74
CA LEU C 146 2.59 -26.95 9.89
C LEU C 146 1.56 -28.07 9.64
N CYS C 147 0.48 -28.07 10.38
CA CYS C 147 -0.59 -29.05 10.25
C CYS C 147 -1.50 -28.71 9.11
N ASP C 148 -1.58 -29.60 8.12
CA ASP C 148 -2.36 -29.42 6.90
C ASP C 148 -3.68 -30.13 6.99
N PHE C 149 -4.76 -29.44 6.70
CA PHE C 149 -6.14 -29.91 6.81
C PHE C 149 -6.90 -29.55 5.56
N MET C 150 -8.02 -30.26 5.28
CA MET C 150 -8.84 -29.93 4.13
C MET C 150 -10.28 -29.74 4.55
N ASP C 151 -10.87 -28.55 4.25
CA ASP C 151 -12.27 -28.31 4.64
C ASP C 151 -13.13 -28.98 3.58
N LEU C 152 -13.66 -30.16 3.90
CA LEU C 152 -14.44 -30.93 2.93
C LEU C 152 -15.77 -30.30 2.53
N GLU C 153 -16.36 -29.48 3.41
CA GLU C 153 -17.60 -28.74 3.14
C GLU C 153 -17.32 -27.69 2.05
N LYS C 154 -16.17 -27.01 2.15
CA LYS C 154 -15.79 -25.94 1.23
C LYS C 154 -14.70 -26.28 0.18
N ASN C 155 -14.02 -27.44 0.34
CA ASN C 155 -12.90 -27.95 -0.48
C ASN C 155 -11.73 -26.99 -0.56
N THR C 156 -11.47 -26.33 0.57
CA THR C 156 -10.42 -25.32 0.70
C THR C 156 -9.45 -25.74 1.78
N PRO C 157 -8.15 -25.81 1.45
CA PRO C 157 -7.14 -26.20 2.46
C PRO C 157 -6.98 -25.18 3.59
N VAL C 158 -6.32 -25.59 4.69
CA VAL C 158 -6.05 -24.78 5.87
C VAL C 158 -4.85 -25.37 6.62
N THR C 159 -3.87 -24.54 6.96
CA THR C 159 -2.63 -24.92 7.63
C THR C 159 -2.53 -24.16 8.94
N ILE C 160 -2.51 -24.91 10.05
CA ILE C 160 -2.41 -24.35 11.40
C ILE C 160 -1.00 -24.65 11.93
N PRO C 161 -0.18 -23.60 12.25
CA PRO C 161 1.18 -23.86 12.73
C PRO C 161 1.23 -24.05 14.24
N ALA C 162 1.91 -25.12 14.67
CA ALA C 162 2.11 -25.49 16.07
C ALA C 162 3.59 -25.36 16.41
N PHE C 163 3.92 -24.64 17.51
CA PHE C 163 5.30 -24.52 17.98
C PHE C 163 5.59 -25.74 18.80
N ILE C 164 6.65 -26.48 18.49
CA ILE C 164 6.98 -27.66 19.28
C ILE C 164 8.03 -27.37 20.32
N LYS C 165 9.26 -27.00 19.88
CA LYS C 165 10.40 -26.74 20.76
C LYS C 165 11.47 -25.87 20.14
N SER C 166 12.34 -25.30 20.98
CA SER C 166 13.44 -24.50 20.51
C SER C 166 14.70 -25.34 20.59
N VAL C 167 15.39 -25.48 19.46
CA VAL C 167 16.63 -26.26 19.33
C VAL C 167 17.79 -25.36 19.11
N SER C 168 19.00 -25.84 19.45
CA SER C 168 20.24 -25.08 19.25
C SER C 168 21.11 -25.70 18.22
N ILE C 169 21.50 -24.91 17.23
CA ILE C 169 22.34 -25.39 16.15
C ILE C 169 23.70 -24.70 16.19
N LYS C 170 24.77 -25.50 16.33
CA LYS C 170 26.16 -25.02 16.27
C LYS C 170 26.40 -24.98 14.76
N GLU C 171 27.18 -23.99 14.25
CA GLU C 171 27.46 -23.78 12.81
C GLU C 171 26.20 -23.46 11.94
N SER C 172 25.10 -23.04 12.63
CA SER C 172 23.74 -22.73 12.15
C SER C 172 23.58 -21.56 11.20
N GLU C 173 22.48 -21.62 10.41
CA GLU C 173 22.10 -20.59 9.45
C GLU C 173 20.74 -19.91 9.80
N SER C 174 19.67 -20.26 9.03
CA SER C 174 18.26 -19.82 9.09
C SER C 174 17.49 -20.72 8.09
N ALA C 175 17.32 -22.01 8.48
CA ALA C 175 16.76 -23.06 7.62
C ALA C 175 15.25 -23.04 7.45
N THR C 176 14.73 -24.09 6.77
CA THR C 176 13.29 -24.30 6.56
C THR C 176 12.92 -25.72 7.02
N VAL C 177 12.23 -26.51 6.18
CA VAL C 177 11.72 -27.86 6.41
C VAL C 177 12.74 -28.85 7.01
N GLU C 178 12.26 -29.74 7.86
CA GLU C 178 13.10 -30.60 8.65
C GLU C 178 12.74 -32.11 8.56
N ALA C 179 13.56 -32.93 9.27
CA ALA C 179 13.50 -34.38 9.47
C ALA C 179 13.65 -34.73 10.96
N ALA C 180 13.18 -35.90 11.32
CA ALA C 180 13.26 -36.40 12.68
C ALA C 180 14.59 -36.11 13.41
N ILE C 181 14.53 -35.90 14.75
CA ILE C 181 15.69 -35.64 15.61
C ILE C 181 16.16 -34.15 15.58
N ALA C 188 8.06 -40.29 10.53
CA ALA C 188 7.56 -39.13 9.77
C ALA C 188 6.09 -38.78 10.16
N LEU C 189 5.33 -39.82 10.55
CA LEU C 189 3.92 -39.76 10.94
C LEU C 189 3.65 -39.08 12.28
N THR C 190 2.49 -38.38 12.33
CA THR C 190 1.83 -37.71 13.47
C THR C 190 0.38 -37.53 13.09
N GLN C 191 -0.46 -37.30 14.09
CA GLN C 191 -1.89 -37.09 13.90
C GLN C 191 -2.31 -35.77 14.49
N ALA C 192 -3.23 -35.10 13.80
CA ALA C 192 -3.79 -33.83 14.26
C ALA C 192 -5.31 -33.86 14.15
N LYS C 193 -5.97 -33.31 15.17
CA LYS C 193 -7.43 -33.23 15.16
C LYS C 193 -7.95 -31.90 15.69
N ILE C 194 -9.00 -31.38 15.01
CA ILE C 194 -9.72 -30.17 15.43
C ILE C 194 -10.78 -30.68 16.46
N ALA C 195 -10.70 -30.17 17.70
CA ALA C 195 -11.54 -30.55 18.80
C ALA C 195 -12.19 -29.34 19.50
N PRO C 196 -13.44 -29.47 19.98
CA PRO C 196 -14.05 -28.34 20.67
C PRO C 196 -13.66 -28.23 22.13
N TYR C 197 -12.71 -27.34 22.45
CA TYR C 197 -12.41 -27.14 23.85
C TYR C 197 -12.34 -25.69 24.25
N ALA C 198 -11.31 -24.97 23.94
CA ALA C 198 -11.43 -23.58 24.32
C ALA C 198 -12.07 -22.92 23.08
N GLY C 199 -13.29 -23.36 22.81
CA GLY C 199 -14.08 -23.02 21.63
C GLY C 199 -13.80 -24.08 20.58
N LEU C 200 -12.60 -24.03 20.01
CA LEU C 200 -11.99 -24.95 19.08
C LEU C 200 -10.49 -24.89 19.31
N ILE C 201 -9.87 -26.06 19.32
CA ILE C 201 -8.44 -26.23 19.57
C ILE C 201 -7.96 -27.30 18.65
N MET C 202 -6.74 -27.14 18.14
CA MET C 202 -6.20 -28.21 17.33
C MET C 202 -5.24 -28.94 18.23
N ILE C 203 -5.38 -30.25 18.26
CA ILE C 203 -4.52 -31.05 19.10
C ILE C 203 -3.72 -32.01 18.25
N MET C 204 -2.39 -31.90 18.36
CA MET C 204 -1.50 -32.75 17.55
C MET C 204 -0.66 -33.61 18.40
N THR C 205 -0.62 -34.90 18.05
CA THR C 205 0.09 -35.94 18.80
C THR C 205 1.28 -36.48 18.00
N MET C 206 2.46 -36.46 18.62
CA MET C 206 3.71 -36.92 18.03
C MET C 206 3.94 -38.39 18.29
N ASN C 207 3.43 -39.25 17.39
CA ASN C 207 3.69 -40.70 17.45
C ASN C 207 5.17 -40.83 17.09
N ASN C 208 5.92 -41.74 17.76
CA ASN C 208 7.39 -41.87 17.58
C ASN C 208 7.96 -40.45 17.42
N PRO C 209 8.02 -39.68 18.54
CA PRO C 209 8.55 -38.30 18.46
C PRO C 209 10.01 -38.32 18.04
N LYS C 210 10.47 -37.24 17.39
CA LYS C 210 11.86 -37.17 16.92
C LYS C 210 12.08 -38.25 15.83
N GLY C 211 10.97 -38.61 15.15
CA GLY C 211 10.89 -39.64 14.11
C GLY C 211 9.95 -39.28 12.97
N GLY C 217 9.45 -35.89 25.49
CA GLY C 217 9.43 -36.80 24.35
C GLY C 217 8.30 -37.81 24.40
N ALA C 218 8.44 -38.94 23.67
CA ALA C 218 7.46 -40.06 23.50
C ALA C 218 6.16 -39.52 22.86
N GLY C 219 5.08 -40.32 22.85
CA GLY C 219 3.79 -39.83 22.37
C GLY C 219 3.51 -38.57 23.18
N THR C 220 3.48 -37.40 22.49
CA THR C 220 3.31 -36.07 23.14
C THR C 220 2.42 -35.19 22.28
N GLN C 221 1.54 -34.43 22.97
CA GLN C 221 0.55 -33.57 22.38
C GLN C 221 0.83 -32.09 22.51
N VAL C 222 0.51 -31.37 21.44
CA VAL C 222 0.62 -29.90 21.35
C VAL C 222 -0.78 -29.40 21.04
N ILE C 223 -1.24 -28.43 21.84
CA ILE C 223 -2.60 -27.86 21.68
C ILE C 223 -2.46 -26.45 21.16
N VAL C 224 -3.16 -26.15 20.06
CA VAL C 224 -3.14 -24.81 19.50
C VAL C 224 -4.54 -24.24 19.68
N GLU C 225 -4.66 -23.06 20.31
CA GLU C 225 -5.99 -22.49 20.54
C GLU C 225 -6.40 -21.62 19.35
N LEU C 226 -7.59 -21.92 18.80
CA LEU C 226 -8.18 -21.26 17.64
C LEU C 226 -9.22 -20.22 18.04
N GLY C 227 -9.57 -20.17 19.34
CA GLY C 227 -10.51 -19.20 19.91
C GLY C 227 -11.99 -19.56 19.83
N ALA C 228 -12.76 -18.96 20.71
CA ALA C 228 -14.18 -19.26 20.84
C ALA C 228 -15.09 -18.54 19.87
N TYR C 229 -14.52 -17.63 19.09
CA TYR C 229 -15.17 -16.83 18.05
C TYR C 229 -15.81 -17.74 16.98
N VAL C 230 -17.02 -18.21 17.25
CA VAL C 230 -17.70 -19.15 16.34
C VAL C 230 -19.08 -19.54 16.85
N GLN C 231 -20.00 -19.76 15.88
CA GLN C 231 -21.37 -20.22 16.10
C GLN C 231 -21.31 -21.64 16.61
N ALA C 232 -21.98 -21.89 17.74
CA ALA C 232 -22.06 -23.18 18.42
C ALA C 232 -22.40 -24.30 17.46
N GLU C 233 -23.22 -23.98 16.45
CA GLU C 233 -23.68 -24.88 15.38
C GLU C 233 -22.51 -25.28 14.50
N SER C 234 -21.70 -24.29 14.07
CA SER C 234 -20.51 -24.51 13.23
C SER C 234 -19.38 -25.30 13.93
N ILE C 235 -19.33 -25.30 15.29
CA ILE C 235 -18.33 -26.03 16.09
C ILE C 235 -18.41 -27.51 15.77
N SER C 236 -19.63 -28.05 15.69
CA SER C 236 -19.87 -29.46 15.33
C SER C 236 -19.48 -29.69 13.86
N LYS C 237 -19.82 -28.70 12.98
CA LYS C 237 -19.55 -28.71 11.55
C LYS C 237 -18.05 -28.74 11.25
N ILE C 238 -17.27 -27.78 11.83
CA ILE C 238 -15.82 -27.71 11.66
C ILE C 238 -15.13 -29.03 11.98
N CYS C 239 -15.44 -29.62 13.15
CA CYS C 239 -14.82 -30.86 13.60
C CYS C 239 -15.00 -32.03 12.66
N LYS C 240 -16.20 -32.15 12.10
CA LYS C 240 -16.48 -33.25 11.17
C LYS C 240 -15.93 -33.03 9.74
N THR C 241 -15.68 -31.76 9.34
CA THR C 241 -15.26 -31.42 7.98
C THR C 241 -13.77 -31.08 7.82
N TRP C 242 -13.07 -30.76 8.93
CA TRP C 242 -11.65 -30.42 8.86
C TRP C 242 -10.76 -31.66 9.00
N SER C 243 -10.46 -32.28 7.84
CA SER C 243 -9.66 -33.50 7.77
C SER C 243 -8.17 -33.26 7.67
N HIS C 244 -7.37 -33.88 8.59
CA HIS C 244 -5.92 -33.81 8.65
C HIS C 244 -5.31 -34.49 7.43
N GLN C 245 -4.61 -33.73 6.60
CA GLN C 245 -4.02 -34.27 5.37
C GLN C 245 -2.61 -34.71 5.60
N GLY C 246 -1.89 -33.93 6.42
CA GLY C 246 -0.49 -34.19 6.70
C GLY C 246 0.19 -33.12 7.50
N THR C 247 1.47 -33.33 7.79
CA THR C 247 2.23 -32.44 8.65
C THR C 247 3.65 -32.20 8.14
N ARG C 248 4.05 -30.94 8.07
CA ARG C 248 5.35 -30.49 7.62
C ARG C 248 6.08 -29.89 8.82
N TYR C 249 7.32 -30.28 9.01
CA TYR C 249 8.07 -29.73 10.10
C TYR C 249 9.04 -28.73 9.55
N VAL C 250 9.01 -27.50 10.06
CA VAL C 250 9.83 -26.42 9.57
C VAL C 250 10.73 -25.91 10.69
N LEU C 251 11.75 -25.09 10.38
CA LEU C 251 12.69 -24.54 11.38
C LEU C 251 12.84 -23.06 11.15
N LYS C 252 12.66 -22.26 12.17
CA LYS C 252 12.70 -20.82 11.99
C LYS C 252 13.69 -20.13 12.92
N SER C 253 14.73 -19.47 12.37
CA SER C 253 15.72 -18.76 13.20
C SER C 253 15.04 -17.63 14.00
N ARG C 254 15.49 -17.39 15.25
CA ARG C 254 14.91 -16.35 16.08
C ARG C 254 15.86 -15.17 16.33
N MET D 1 -4.69 -0.92 -7.92
CA MET D 1 -5.66 -1.98 -7.75
C MET D 1 -6.70 -2.07 -8.89
N GLU D 2 -6.66 -1.12 -9.86
CA GLU D 2 -7.47 -1.21 -11.08
C GLU D 2 -6.53 -1.63 -12.25
N SER D 3 -7.01 -2.36 -13.27
CA SER D 3 -6.04 -2.80 -14.28
C SER D 3 -6.47 -2.73 -15.74
N TYR D 4 -5.50 -2.71 -16.64
CA TYR D 4 -5.76 -2.66 -18.06
C TYR D 4 -4.63 -3.36 -18.78
N LEU D 5 -4.98 -4.18 -19.77
CA LEU D 5 -4.03 -4.97 -20.52
C LEU D 5 -4.06 -4.58 -21.99
N VAL D 6 -2.87 -4.43 -22.60
CA VAL D 6 -2.70 -4.19 -24.03
C VAL D 6 -1.80 -5.29 -24.56
N ASP D 7 -2.44 -6.28 -25.22
CA ASP D 7 -1.77 -7.46 -25.75
C ASP D 7 -1.31 -7.40 -27.22
N THR D 8 -0.06 -6.92 -27.41
CA THR D 8 0.54 -6.81 -28.75
C THR D 8 1.19 -8.12 -29.17
N TYR D 9 1.71 -8.87 -28.19
CA TYR D 9 2.42 -10.14 -28.36
C TYR D 9 1.78 -11.24 -27.50
N GLN D 10 1.59 -12.43 -28.05
CA GLN D 10 1.07 -13.59 -27.31
C GLN D 10 2.07 -14.70 -27.51
N GLY D 11 2.98 -14.87 -26.56
CA GLY D 11 4.05 -15.82 -26.75
C GLY D 11 4.64 -16.38 -25.50
N ILE D 12 5.26 -17.58 -25.64
CA ILE D 12 5.85 -18.43 -24.59
C ILE D 12 6.65 -17.55 -23.63
N PRO D 13 7.76 -16.90 -24.03
CA PRO D 13 8.34 -15.88 -23.16
C PRO D 13 8.03 -14.52 -23.82
N TYR D 14 7.64 -13.51 -23.04
CA TYR D 14 7.35 -12.21 -23.62
C TYR D 14 7.86 -11.12 -22.75
N THR D 15 8.20 -9.95 -23.35
CA THR D 15 8.61 -8.78 -22.58
C THR D 15 7.37 -8.13 -21.91
N ALA D 16 7.49 -7.84 -20.61
CA ALA D 16 6.45 -7.20 -19.83
C ALA D 16 6.85 -5.73 -19.57
N ALA D 17 5.97 -4.84 -20.05
CA ALA D 17 6.01 -3.39 -19.92
C ALA D 17 4.99 -3.01 -18.85
N VAL D 18 5.47 -2.73 -17.62
CA VAL D 18 4.56 -2.35 -16.53
C VAL D 18 4.63 -0.87 -16.20
N GLN D 19 3.46 -0.21 -16.09
CA GLN D 19 3.27 1.20 -15.72
C GLN D 19 2.18 1.25 -14.63
N VAL D 20 2.35 2.15 -13.67
CA VAL D 20 1.41 2.28 -12.56
C VAL D 20 1.00 3.70 -12.31
N ASP D 21 -0.28 3.94 -11.95
CA ASP D 21 -0.74 5.29 -11.58
C ASP D 21 -0.69 5.28 -10.08
N LEU D 22 0.18 6.12 -9.50
CA LEU D 22 0.40 6.20 -8.07
C LEU D 22 -0.13 7.47 -7.48
N ILE D 23 -0.29 7.43 -6.13
CA ILE D 23 -0.66 8.49 -5.24
C ILE D 23 0.02 8.21 -3.92
N GLU D 24 0.74 9.22 -3.42
CA GLU D 24 1.50 9.18 -2.17
C GLU D 24 0.61 8.96 -0.99
N LYS D 25 1.14 8.26 0.02
CA LYS D 25 0.46 8.11 1.29
C LYS D 25 1.19 9.06 2.26
N ASP D 26 0.79 10.33 2.24
CA ASP D 26 1.31 11.42 3.09
C ASP D 26 0.31 12.55 3.12
N LEU D 27 0.59 13.62 3.90
CA LEU D 27 -0.31 14.75 4.08
C LEU D 27 -0.37 15.83 2.97
N LEU D 28 0.52 15.70 1.95
CA LEU D 28 0.56 16.51 0.73
C LEU D 28 0.82 15.48 -0.37
N PRO D 29 -0.23 14.69 -0.72
CA PRO D 29 -0.03 13.62 -1.67
C PRO D 29 0.11 14.07 -3.09
N ALA D 30 1.16 13.55 -3.74
CA ALA D 30 1.46 13.81 -5.12
C ALA D 30 0.93 12.65 -5.89
N SER D 31 0.36 12.92 -7.08
CA SER D 31 -0.08 11.87 -7.98
C SER D 31 0.97 11.72 -9.07
N LEU D 32 1.38 10.46 -9.34
CA LEU D 32 2.47 10.14 -10.27
C LEU D 32 2.18 8.93 -11.12
N THR D 33 2.66 8.96 -12.35
CA THR D 33 2.62 7.84 -13.27
C THR D 33 4.08 7.50 -13.53
N ILE D 34 4.49 6.30 -13.10
CA ILE D 34 5.85 5.76 -13.31
C ILE D 34 5.73 4.38 -13.95
N TRP D 35 6.78 3.98 -14.64
CA TRP D 35 6.85 2.66 -15.28
C TRP D 35 8.10 1.91 -14.88
N PHE D 36 7.98 0.60 -14.84
CA PHE D 36 9.04 -0.31 -14.45
C PHE D 36 10.08 -0.57 -15.54
N PRO D 37 11.33 -0.95 -15.21
CA PRO D 37 12.22 -1.46 -16.24
C PRO D 37 11.54 -2.69 -16.90
N LEU D 38 11.78 -2.97 -18.18
CA LEU D 38 11.16 -4.14 -18.82
C LEU D 38 11.73 -5.43 -18.25
N PHE D 39 10.90 -6.47 -18.16
CA PHE D 39 11.34 -7.79 -17.71
C PHE D 39 10.66 -8.87 -18.55
N GLN D 40 11.14 -10.13 -18.45
CA GLN D 40 10.59 -11.27 -19.21
C GLN D 40 9.58 -11.99 -18.34
N ALA D 41 8.48 -12.48 -18.95
CA ALA D 41 7.41 -13.23 -18.27
C ALA D 41 7.09 -14.50 -19.04
N ASN D 42 6.83 -15.61 -18.31
CA ASN D 42 6.53 -16.92 -18.90
C ASN D 42 5.14 -17.38 -18.50
N THR D 43 4.39 -16.55 -17.74
CA THR D 43 3.04 -16.89 -17.28
C THR D 43 2.00 -16.09 -18.02
N PRO D 44 0.75 -16.57 -18.19
CA PRO D 44 -0.29 -15.78 -18.90
C PRO D 44 -0.40 -14.34 -18.44
N PRO D 45 -0.60 -13.40 -19.40
CA PRO D 45 -0.66 -11.96 -19.06
C PRO D 45 -1.77 -11.60 -18.09
N ALA D 46 -2.99 -12.16 -18.27
CA ALA D 46 -4.15 -11.93 -17.39
C ALA D 46 -3.79 -12.35 -15.96
N VAL D 47 -2.98 -13.42 -15.86
CA VAL D 47 -2.49 -13.95 -14.61
C VAL D 47 -1.39 -13.07 -14.01
N LEU D 48 -0.51 -12.53 -14.87
CA LEU D 48 0.55 -11.65 -14.41
C LEU D 48 -0.02 -10.36 -13.84
N LEU D 49 -1.06 -9.82 -14.46
CA LEU D 49 -1.75 -8.61 -14.05
C LEU D 49 -2.40 -8.76 -12.68
N ASP D 50 -3.10 -9.88 -12.46
CA ASP D 50 -3.72 -10.19 -11.17
C ASP D 50 -2.67 -10.09 -10.06
N GLN D 51 -1.49 -10.74 -10.27
CA GLN D 51 -0.40 -10.73 -9.31
C GLN D 51 0.13 -9.34 -9.13
N LEU D 52 0.19 -8.56 -10.25
CA LEU D 52 0.67 -7.17 -10.24
C LEU D 52 -0.27 -6.31 -9.43
N LYS D 53 -1.59 -6.66 -9.38
CA LYS D 53 -2.57 -5.92 -8.59
C LYS D 53 -2.21 -5.89 -7.09
N THR D 54 -1.26 -6.73 -6.64
CA THR D 54 -0.82 -6.78 -5.24
C THR D 54 0.46 -5.97 -5.01
N LEU D 55 0.78 -5.07 -5.97
CA LEU D 55 1.99 -4.25 -6.01
C LEU D 55 2.01 -3.33 -4.83
N THR D 56 3.16 -3.23 -4.16
CA THR D 56 3.42 -2.30 -3.06
C THR D 56 4.67 -1.51 -3.42
N ILE D 57 4.49 -0.19 -3.64
CA ILE D 57 5.58 0.66 -4.08
C ILE D 57 5.93 1.68 -3.05
N THR D 58 7.24 1.85 -2.83
CA THR D 58 7.80 2.85 -1.98
C THR D 58 8.76 3.79 -2.76
N THR D 59 8.45 5.10 -2.76
CA THR D 59 9.28 6.09 -3.44
C THR D 59 9.98 7.02 -2.45
N LEU D 60 11.09 7.62 -2.85
CA LEU D 60 11.85 8.55 -2.03
C LEU D 60 12.43 9.54 -3.01
N TYR D 61 12.07 10.84 -2.84
CA TYR D 61 12.46 11.92 -3.73
C TYR D 61 13.90 12.25 -3.49
N ALA D 62 14.71 12.21 -4.57
CA ALA D 62 16.14 12.50 -4.51
C ALA D 62 16.60 13.28 -5.73
N ALA D 63 17.78 13.87 -5.60
CA ALA D 63 18.49 14.63 -6.60
C ALA D 63 19.49 13.68 -7.32
N SER D 64 19.80 13.97 -8.59
CA SER D 64 20.76 13.22 -9.38
C SER D 64 21.42 14.12 -10.40
N GLN D 65 22.58 13.69 -10.96
CA GLN D 65 23.34 14.46 -11.94
C GLN D 65 22.51 14.83 -13.13
N ASN D 66 21.61 13.91 -13.55
CA ASN D 66 20.66 14.09 -14.66
C ASN D 66 19.29 14.45 -14.02
N GLY D 67 19.21 15.66 -13.45
CA GLY D 67 18.01 16.17 -12.79
C GLY D 67 17.45 15.39 -11.60
N PRO D 68 16.28 15.79 -11.02
CA PRO D 68 15.74 15.03 -9.88
C PRO D 68 15.14 13.71 -10.31
N ILE D 69 15.26 12.73 -9.41
CA ILE D 69 14.78 11.37 -9.60
C ILE D 69 13.90 10.92 -8.44
N LEU D 70 13.38 9.71 -8.52
CA LEU D 70 12.59 9.01 -7.51
C LEU D 70 13.23 7.62 -7.32
N LYS D 71 13.71 7.33 -6.10
CA LYS D 71 14.28 6.01 -5.85
C LYS D 71 13.10 5.12 -5.54
N VAL D 72 12.76 4.22 -6.48
CA VAL D 72 11.62 3.30 -6.34
C VAL D 72 12.10 1.95 -5.82
N ASN D 73 11.27 1.34 -4.95
CA ASN D 73 11.39 0.02 -4.36
C ASN D 73 10.01 -0.57 -4.45
N ALA D 74 9.86 -1.75 -5.09
CA ALA D 74 8.56 -2.39 -5.29
C ALA D 74 8.56 -3.86 -4.88
N SER D 75 7.37 -4.40 -4.51
CA SER D 75 7.09 -5.82 -4.16
C SER D 75 5.68 -6.21 -4.62
N ALA D 76 5.43 -7.50 -4.82
CA ALA D 76 4.12 -8.05 -5.19
C ALA D 76 4.06 -9.51 -4.80
N GLN D 77 2.84 -10.05 -4.72
CA GLN D 77 2.59 -11.41 -4.31
C GLN D 77 2.33 -12.23 -5.54
N GLY D 78 2.91 -13.44 -5.57
CA GLY D 78 2.78 -14.35 -6.70
C GLY D 78 4.12 -14.82 -7.20
N ALA D 79 4.16 -16.06 -7.72
CA ALA D 79 5.39 -16.71 -8.21
C ALA D 79 6.07 -15.94 -9.34
N ALA D 80 5.27 -15.47 -10.29
CA ALA D 80 5.76 -14.72 -11.43
C ALA D 80 6.40 -13.38 -11.05
N MET D 81 6.18 -12.94 -9.82
CA MET D 81 6.70 -11.67 -9.35
C MET D 81 8.15 -11.75 -8.90
N SER D 82 8.79 -12.93 -8.99
CA SER D 82 10.20 -13.11 -8.61
C SER D 82 11.14 -12.34 -9.58
N VAL D 83 10.73 -12.24 -10.86
CA VAL D 83 11.40 -11.56 -11.96
C VAL D 83 11.10 -10.04 -12.00
N LEU D 84 10.11 -9.58 -11.20
CA LEU D 84 9.73 -8.14 -11.15
C LEU D 84 10.91 -7.22 -10.72
N PRO D 85 11.27 -6.14 -11.47
CA PRO D 85 12.38 -5.28 -11.01
C PRO D 85 12.02 -4.66 -9.64
N LYS D 86 12.79 -5.04 -8.61
CA LYS D 86 12.50 -4.65 -7.25
C LYS D 86 12.95 -3.21 -6.87
N LYS D 87 14.15 -2.78 -7.28
CA LYS D 87 14.69 -1.52 -6.89
C LYS D 87 15.30 -0.89 -8.13
N PHE D 88 14.70 0.26 -8.53
CA PHE D 88 15.04 1.01 -9.73
C PHE D 88 14.77 2.51 -9.57
N GLU D 89 15.57 3.36 -10.25
CA GLU D 89 15.43 4.84 -10.21
C GLU D 89 14.63 5.33 -11.39
N VAL D 90 13.83 6.38 -11.19
CA VAL D 90 13.01 6.99 -12.27
C VAL D 90 13.10 8.49 -12.28
N ASN D 91 13.09 9.09 -13.45
CA ASN D 91 13.11 10.53 -13.53
C ASN D 91 11.82 11.11 -12.97
N ALA D 92 12.00 11.99 -11.97
CA ALA D 92 10.92 12.65 -11.24
C ALA D 92 10.42 13.86 -11.98
N THR D 93 9.93 13.65 -13.21
CA THR D 93 9.37 14.73 -14.00
C THR D 93 7.86 14.59 -13.90
N VAL D 94 7.25 15.57 -13.20
CA VAL D 94 5.82 15.61 -12.86
C VAL D 94 5.06 16.77 -13.42
N ALA D 95 3.76 16.86 -13.23
CA ALA D 95 2.99 18.02 -13.65
C ALA D 95 3.46 19.11 -12.70
N LEU D 96 3.65 20.33 -13.19
CA LEU D 96 4.24 21.38 -12.35
C LEU D 96 3.68 21.64 -10.99
N ASP D 97 2.34 21.47 -10.81
CA ASP D 97 1.65 21.65 -9.53
C ASP D 97 2.09 20.58 -8.54
N GLU D 98 2.51 19.42 -9.04
CA GLU D 98 2.95 18.32 -8.17
C GLU D 98 4.27 18.52 -7.46
N TYR D 99 5.15 19.39 -7.99
CA TYR D 99 6.45 19.66 -7.37
C TYR D 99 6.39 20.10 -5.91
N SER D 100 5.38 20.93 -5.59
CA SER D 100 5.07 21.41 -4.23
C SER D 100 4.75 20.21 -3.33
N LYS D 101 3.94 19.27 -3.86
CA LYS D 101 3.48 18.06 -3.16
C LYS D 101 4.57 16.97 -2.95
N LEU D 102 5.78 17.18 -3.50
CA LEU D 102 6.96 16.29 -3.43
C LEU D 102 7.99 16.61 -2.29
N GLU D 103 7.98 15.80 -1.25
CA GLU D 103 8.90 16.01 -0.13
C GLU D 103 10.27 15.37 -0.34
N PHE D 104 11.29 16.19 -0.34
CA PHE D 104 12.66 15.72 -0.50
C PHE D 104 13.08 14.76 0.57
N ASP D 105 13.68 13.63 0.17
CA ASP D 105 14.26 12.60 1.03
C ASP D 105 13.30 11.98 2.05
N LYS D 106 12.01 11.97 1.76
CA LYS D 106 11.04 11.38 2.69
C LYS D 106 10.50 10.12 2.06
N LEU D 107 10.88 8.98 2.64
CA LEU D 107 10.47 7.66 2.15
C LEU D 107 8.98 7.49 2.39
N THR D 108 8.23 7.57 1.29
CA THR D 108 6.77 7.45 1.33
C THR D 108 6.28 6.20 0.61
N VAL D 109 5.25 5.53 1.15
CA VAL D 109 4.67 4.44 0.40
C VAL D 109 3.65 5.10 -0.52
N CYS D 110 3.56 4.58 -1.73
CA CYS D 110 2.65 5.11 -2.70
C CYS D 110 1.52 4.11 -2.81
N GLU D 111 0.36 4.56 -3.32
CA GLU D 111 -0.83 3.74 -3.47
C GLU D 111 -1.18 3.64 -4.92
N VAL D 112 -1.22 2.42 -5.46
CA VAL D 112 -1.51 2.12 -6.86
C VAL D 112 -2.99 2.31 -7.18
N LYS D 113 -3.30 3.32 -7.98
CA LYS D 113 -4.67 3.62 -8.41
C LYS D 113 -5.04 2.67 -9.57
N THR D 114 -4.06 2.39 -10.48
CA THR D 114 -4.18 1.54 -11.67
C THR D 114 -2.82 0.93 -12.04
N VAL D 115 -2.83 -0.37 -12.51
CA VAL D 115 -1.69 -1.16 -12.99
C VAL D 115 -1.96 -1.44 -14.44
N TYR D 116 -1.00 -1.09 -15.31
CA TYR D 116 -1.10 -1.38 -16.72
C TYR D 116 -0.01 -2.35 -17.10
N LEU D 117 -0.37 -3.36 -17.94
CA LEU D 117 0.54 -4.34 -18.51
C LEU D 117 0.45 -4.27 -20.04
N THR D 118 1.61 -4.30 -20.68
CA THR D 118 1.73 -4.31 -22.13
C THR D 118 2.69 -5.46 -22.47
N THR D 119 2.29 -6.36 -23.37
CA THR D 119 3.15 -7.47 -23.80
C THR D 119 3.89 -7.05 -25.04
N MET D 120 5.12 -7.54 -25.21
CA MET D 120 5.99 -7.20 -26.35
C MET D 120 6.78 -8.43 -26.76
N LYS D 121 7.44 -8.36 -27.93
CA LYS D 121 8.29 -9.44 -28.45
C LYS D 121 9.59 -9.32 -27.71
N PRO D 122 10.14 -10.39 -27.11
CA PRO D 122 11.43 -10.27 -26.40
C PRO D 122 12.55 -9.83 -27.35
N TYR D 123 13.40 -8.87 -26.86
CA TYR D 123 14.50 -8.16 -27.56
C TYR D 123 14.04 -7.33 -28.77
N GLY D 137 25.16 -1.03 -49.45
CA GLY D 137 25.36 0.32 -49.97
C GLY D 137 25.14 1.39 -48.92
N LYS D 138 25.55 2.64 -49.24
CA LYS D 138 25.33 3.81 -48.38
C LYS D 138 23.83 3.98 -48.42
N LYS D 139 23.21 4.42 -47.32
CA LYS D 139 21.78 4.51 -47.31
C LYS D 139 21.29 5.84 -47.90
N THR D 140 20.39 5.75 -48.90
CA THR D 140 19.87 6.90 -49.63
C THR D 140 18.53 7.33 -49.09
N HIS D 141 17.68 6.38 -48.68
CA HIS D 141 16.33 6.69 -48.23
C HIS D 141 15.97 6.00 -46.95
N ASP D 142 14.91 6.50 -46.26
CA ASP D 142 14.37 5.99 -44.99
C ASP D 142 12.98 5.42 -45.17
N LEU D 143 12.77 4.18 -44.72
CA LEU D 143 11.45 3.57 -44.79
C LEU D 143 10.71 4.10 -43.58
N ILE D 144 9.56 4.74 -43.76
CA ILE D 144 8.80 5.26 -42.63
C ILE D 144 7.38 4.74 -42.74
N ALA D 145 6.77 4.35 -41.61
CA ALA D 145 5.39 3.88 -41.59
C ALA D 145 4.50 4.92 -40.92
N LEU D 146 3.47 5.38 -41.64
CA LEU D 146 2.49 6.35 -41.17
C LEU D 146 1.29 5.57 -40.58
N CYS D 147 1.25 5.42 -39.25
CA CYS D 147 0.17 4.75 -38.57
C CYS D 147 -1.02 5.64 -38.41
N ASP D 148 -2.16 5.22 -38.98
CA ASP D 148 -3.39 5.99 -38.99
C ASP D 148 -4.34 5.50 -37.93
N PHE D 149 -4.85 6.40 -37.12
CA PHE D 149 -5.75 6.11 -36.00
C PHE D 149 -6.97 7.04 -36.03
N MET D 150 -8.02 6.70 -35.28
CA MET D 150 -9.19 7.54 -35.17
C MET D 150 -9.56 7.66 -33.71
N ASP D 151 -9.60 8.91 -33.18
CA ASP D 151 -9.99 9.15 -31.78
C ASP D 151 -11.49 9.04 -31.84
N LEU D 152 -12.06 7.95 -31.28
CA LEU D 152 -13.51 7.76 -31.39
C LEU D 152 -14.27 8.75 -30.54
N GLU D 153 -13.68 9.13 -29.39
CA GLU D 153 -14.23 10.10 -28.43
C GLU D 153 -14.41 11.46 -29.13
N LYS D 154 -13.42 11.86 -29.95
CA LYS D 154 -13.42 13.15 -30.63
C LYS D 154 -13.76 13.12 -32.14
N ASN D 155 -13.73 11.93 -32.78
CA ASN D 155 -13.96 11.64 -34.21
C ASN D 155 -13.01 12.40 -35.12
N THR D 156 -11.77 12.55 -34.66
CA THR D 156 -10.71 13.27 -35.34
C THR D 156 -9.54 12.33 -35.60
N PRO D 157 -9.09 12.22 -36.86
CA PRO D 157 -7.95 11.34 -37.16
C PRO D 157 -6.62 11.78 -36.53
N VAL D 158 -5.63 10.87 -36.49
CA VAL D 158 -4.29 11.10 -35.96
C VAL D 158 -3.34 10.11 -36.61
N THR D 159 -2.21 10.61 -37.15
CA THR D 159 -1.20 9.83 -37.86
C THR D 159 0.12 9.96 -37.12
N ILE D 160 0.63 8.84 -36.62
CA ILE D 160 1.89 8.80 -35.89
C ILE D 160 2.94 8.14 -36.82
N PRO D 161 4.02 8.85 -37.19
CA PRO D 161 5.03 8.24 -38.08
C PRO D 161 6.07 7.46 -37.30
N ALA D 162 6.34 6.23 -37.75
CA ALA D 162 7.31 5.31 -37.17
C ALA D 162 8.42 5.10 -38.20
N PHE D 163 9.69 5.30 -37.80
CA PHE D 163 10.85 5.03 -38.65
C PHE D 163 11.09 3.54 -38.60
N ILE D 164 11.25 2.86 -39.75
CA ILE D 164 11.50 1.42 -39.78
C ILE D 164 12.93 1.02 -40.16
N LYS D 165 13.28 1.18 -41.44
CA LYS D 165 14.55 0.75 -42.02
C LYS D 165 15.16 1.88 -42.80
N SER D 166 16.44 1.74 -43.14
CA SER D 166 17.13 2.68 -44.03
C SER D 166 17.58 1.80 -45.17
N VAL D 167 17.14 2.14 -46.39
CA VAL D 167 17.42 1.37 -47.62
C VAL D 167 18.25 2.15 -48.58
N SER D 168 18.92 1.45 -49.51
CA SER D 168 19.74 2.07 -50.56
C SER D 168 19.16 1.86 -51.91
N ILE D 169 19.00 2.96 -52.62
CA ILE D 169 18.41 2.92 -53.95
C ILE D 169 19.42 3.32 -54.98
N LYS D 170 19.60 2.44 -55.96
CA LYS D 170 20.50 2.65 -57.08
C LYS D 170 19.69 3.27 -58.22
N GLU D 171 20.26 4.35 -58.83
CA GLU D 171 19.74 5.32 -59.82
C GLU D 171 19.12 6.48 -59.04
N SER D 172 19.19 6.37 -57.69
CA SER D 172 18.76 7.27 -56.63
C SER D 172 17.31 7.82 -56.71
N GLU D 173 17.20 9.16 -56.62
CA GLU D 173 16.03 10.02 -56.62
C GLU D 173 15.60 10.51 -55.20
N SER D 174 14.28 10.44 -54.89
CA SER D 174 13.55 10.83 -53.67
C SER D 174 12.10 10.43 -53.95
N ALA D 175 11.55 9.39 -53.27
CA ALA D 175 10.19 8.91 -53.57
C ALA D 175 9.16 9.21 -52.47
N THR D 176 7.97 8.56 -52.55
CA THR D 176 6.87 8.71 -51.58
C THR D 176 6.46 7.27 -51.14
N VAL D 177 5.15 6.98 -51.09
CA VAL D 177 4.48 5.74 -50.68
C VAL D 177 5.00 4.49 -51.37
N GLU D 178 5.02 3.37 -50.66
CA GLU D 178 5.54 2.13 -51.19
C GLU D 178 4.68 0.92 -50.85
N ALA D 179 4.74 -0.11 -51.73
CA ALA D 179 4.10 -1.43 -51.55
C ALA D 179 5.05 -2.52 -52.04
N ALA D 180 5.48 -3.38 -51.10
CA ALA D 180 6.32 -4.56 -51.27
C ALA D 180 7.81 -4.38 -51.06
N ILE D 181 8.53 -5.45 -50.69
CA ILE D 181 9.98 -5.45 -50.41
C ILE D 181 10.53 -4.06 -49.99
N ALA D 188 0.71 -6.75 -46.86
CA ALA D 188 0.14 -5.41 -46.85
C ALA D 188 -0.30 -4.99 -45.42
N LEU D 189 -0.84 -5.98 -44.66
CA LEU D 189 -1.34 -5.85 -43.30
C LEU D 189 -0.24 -5.73 -42.26
N THR D 190 -0.53 -5.01 -41.15
CA THR D 190 0.23 -4.80 -39.91
C THR D 190 -0.75 -4.27 -38.85
N GLN D 191 -0.37 -4.38 -37.57
CA GLN D 191 -1.18 -3.92 -36.46
C GLN D 191 -0.44 -2.90 -35.64
N ALA D 192 -1.15 -1.87 -35.21
CA ALA D 192 -0.61 -0.81 -34.37
C ALA D 192 -1.53 -0.59 -33.17
N LYS D 193 -0.92 -0.39 -32.00
CA LYS D 193 -1.70 -0.10 -30.80
C LYS D 193 -1.07 0.95 -29.92
N ILE D 194 -1.91 1.83 -29.34
CA ILE D 194 -1.50 2.83 -28.37
C ILE D 194 -1.52 2.09 -26.99
N ALA D 195 -0.37 2.06 -26.32
CA ALA D 195 -0.17 1.40 -25.05
C ALA D 195 0.45 2.32 -23.98
N PRO D 196 0.07 2.18 -22.71
CA PRO D 196 0.71 3.00 -21.68
C PRO D 196 2.05 2.45 -21.19
N TYR D 197 3.18 3.00 -21.69
CA TYR D 197 4.46 2.58 -21.14
C TYR D 197 5.37 3.72 -20.82
N ALA D 198 5.96 4.38 -21.77
CA ALA D 198 6.75 5.51 -21.37
C ALA D 198 5.76 6.67 -21.39
N GLY D 199 4.74 6.53 -20.54
CA GLY D 199 3.58 7.43 -20.49
C GLY D 199 2.54 6.85 -21.43
N LEU D 200 2.80 6.97 -22.73
CA LEU D 200 2.06 6.41 -23.86
C LEU D 200 3.08 6.15 -24.94
N ILE D 201 2.94 5.03 -25.60
CA ILE D 201 3.84 4.59 -26.67
C ILE D 201 2.98 3.92 -27.70
N MET D 202 3.33 4.09 -28.96
CA MET D 202 2.60 3.38 -29.98
C MET D 202 3.47 2.22 -30.35
N ILE D 203 2.90 1.04 -30.38
CA ILE D 203 3.66 -0.14 -30.73
C ILE D 203 3.08 -0.78 -31.99
N MET D 204 3.92 -0.90 -33.01
CA MET D 204 3.47 -1.49 -34.27
C MET D 204 4.20 -2.73 -34.62
N THR D 205 3.45 -3.76 -35.01
CA THR D 205 3.97 -5.08 -35.33
C THR D 205 3.79 -5.39 -36.82
N MET D 206 4.86 -5.82 -37.49
CA MET D 206 4.80 -6.14 -38.90
C MET D 206 4.72 -7.62 -39.04
N ASN D 207 3.50 -8.13 -39.25
CA ASN D 207 3.11 -9.55 -39.41
C ASN D 207 4.03 -10.30 -40.40
N ASN D 208 4.26 -9.69 -41.55
CA ASN D 208 5.17 -10.13 -42.59
C ASN D 208 5.69 -8.85 -43.24
N PRO D 209 6.85 -8.31 -42.76
CA PRO D 209 7.47 -7.17 -43.46
C PRO D 209 7.38 -7.49 -44.94
N LYS D 210 7.01 -6.50 -45.75
CA LYS D 210 6.86 -6.74 -47.18
C LYS D 210 8.10 -7.41 -47.79
N GLY D 211 9.29 -6.95 -47.37
CA GLY D 211 10.57 -7.52 -47.78
C GLY D 211 11.73 -6.98 -46.98
N GLY D 217 13.49 -9.10 -42.53
CA GLY D 217 13.01 -8.42 -41.33
C GLY D 217 12.24 -9.29 -40.34
N ALA D 218 11.23 -10.07 -40.85
CA ALA D 218 10.31 -10.97 -40.11
C ALA D 218 9.37 -10.23 -39.09
N GLY D 219 8.39 -10.95 -38.49
CA GLY D 219 7.46 -10.41 -37.49
C GLY D 219 8.23 -9.61 -36.45
N THR D 220 8.15 -8.24 -36.50
CA THR D 220 8.96 -7.32 -35.68
C THR D 220 8.16 -6.09 -35.26
N GLN D 221 8.46 -5.57 -34.08
CA GLN D 221 7.82 -4.43 -33.45
C GLN D 221 8.64 -3.16 -33.42
N VAL D 222 7.99 -2.04 -33.66
CA VAL D 222 8.56 -0.70 -33.63
C VAL D 222 7.77 0.06 -32.57
N ILE D 223 8.49 0.70 -31.64
CA ILE D 223 7.87 1.47 -30.54
C ILE D 223 8.14 2.92 -30.77
N VAL D 224 7.08 3.73 -30.76
CA VAL D 224 7.23 5.17 -30.92
C VAL D 224 6.83 5.81 -29.59
N GLU D 225 7.71 6.63 -29.02
CA GLU D 225 7.40 7.24 -27.73
C GLU D 225 6.66 8.55 -27.94
N LEU D 226 5.50 8.66 -27.30
CA LEU D 226 4.58 9.79 -27.37
C LEU D 226 4.74 10.73 -26.17
N GLY D 227 5.53 10.29 -25.16
CA GLY D 227 5.80 11.12 -23.97
C GLY D 227 4.81 10.99 -22.83
N ALA D 228 5.28 11.32 -21.64
CA ALA D 228 4.53 11.19 -20.42
C ALA D 228 3.50 12.26 -20.17
N TYR D 229 3.79 13.52 -20.55
CA TYR D 229 2.80 14.57 -20.22
C TYR D 229 1.36 14.39 -20.70
N VAL D 230 0.60 13.74 -19.82
CA VAL D 230 -0.80 13.50 -19.95
C VAL D 230 -1.30 13.16 -18.55
N GLN D 231 -2.57 13.49 -18.36
CA GLN D 231 -3.34 13.17 -17.16
C GLN D 231 -3.50 11.66 -17.11
N ALA D 232 -3.13 11.08 -15.96
CA ALA D 232 -3.19 9.63 -15.70
C ALA D 232 -4.55 9.05 -16.07
N GLU D 233 -5.61 9.86 -15.90
CA GLU D 233 -7.01 9.53 -16.22
C GLU D 233 -7.16 9.37 -17.73
N SER D 234 -6.65 10.33 -18.50
CA SER D 234 -6.71 10.30 -19.96
C SER D 234 -5.90 9.16 -20.62
N ILE D 235 -4.86 8.62 -19.92
CA ILE D 235 -4.02 7.50 -20.40
C ILE D 235 -4.91 6.30 -20.69
N SER D 236 -5.86 5.98 -19.78
CA SER D 236 -6.82 4.89 -19.95
C SER D 236 -7.79 5.22 -21.10
N LYS D 237 -8.23 6.51 -21.18
CA LYS D 237 -9.14 7.05 -22.19
C LYS D 237 -8.55 6.92 -23.58
N ILE D 238 -7.30 7.45 -23.81
CA ILE D 238 -6.61 7.40 -25.10
C ILE D 238 -6.54 5.97 -25.65
N CYS D 239 -6.09 5.02 -24.81
CA CYS D 239 -5.92 3.63 -25.24
C CYS D 239 -7.19 2.98 -25.77
N LYS D 240 -8.31 3.25 -25.10
CA LYS D 240 -9.59 2.67 -25.48
C LYS D 240 -10.25 3.41 -26.68
N THR D 241 -9.86 4.69 -26.93
CA THR D 241 -10.47 5.50 -27.99
C THR D 241 -9.67 5.64 -29.29
N TRP D 242 -8.36 5.34 -29.25
CA TRP D 242 -7.47 5.47 -30.42
C TRP D 242 -7.37 4.18 -31.25
N SER D 243 -8.30 4.05 -32.20
CA SER D 243 -8.43 2.89 -33.08
C SER D 243 -7.61 3.00 -34.32
N HIS D 244 -6.75 1.99 -34.56
CA HIS D 244 -5.88 1.83 -35.72
C HIS D 244 -6.72 1.64 -36.97
N GLN D 245 -6.63 2.55 -37.91
CA GLN D 245 -7.41 2.48 -39.15
C GLN D 245 -6.64 1.80 -40.23
N GLY D 246 -5.34 2.05 -40.23
CA GLY D 246 -4.45 1.49 -41.24
C GLY D 246 -3.04 2.04 -41.22
N THR D 247 -2.22 1.49 -42.08
CA THR D 247 -0.82 1.85 -42.14
C THR D 247 -0.39 2.11 -43.58
N ARG D 248 0.35 3.20 -43.80
CA ARG D 248 0.88 3.62 -45.08
C ARG D 248 2.41 3.60 -44.97
N TYR D 249 3.06 3.00 -45.93
CA TYR D 249 4.50 2.97 -45.89
C TYR D 249 5.01 4.00 -46.88
N VAL D 250 5.87 4.91 -46.44
CA VAL D 250 6.40 5.96 -47.25
C VAL D 250 7.93 5.87 -47.32
N LEU D 251 8.60 6.62 -48.23
CA LEU D 251 10.07 6.59 -48.37
C LEU D 251 10.58 8.01 -48.44
N LYS D 252 11.57 8.36 -47.64
CA LYS D 252 12.05 9.73 -47.62
C LYS D 252 13.56 9.87 -47.80
N SER D 253 14.01 10.54 -48.90
CA SER D 253 15.44 10.73 -49.16
C SER D 253 16.12 11.51 -48.03
N ARG D 254 17.36 11.16 -47.68
CA ARG D 254 18.11 11.83 -46.61
C ARG D 254 19.30 12.64 -47.13
CA CA E . -3.55 -14.62 2.28
CA CA F . -1.28 21.58 -38.68
CA CA G . -31.37 -14.17 29.95
CL CL H . 3.13 13.63 -24.46
CA CA I . 4.08 14.49 -0.37
#